data_6HP7
#
_entry.id   6HP7
#
_cell.length_a   159.157
_cell.length_b   159.157
_cell.length_c   245.907
_cell.angle_alpha   90.00
_cell.angle_beta   90.00
_cell.angle_gamma   90.00
#
_symmetry.space_group_name_H-M   'I 41 2 2'
#
loop_
_entity.id
_entity.type
_entity.pdbx_description
1 polymer 'SPBc2 prophage-derived uncharacterized protein YopK'
2 polymer 'DNA (43-MER)'
3 polymer 'DNA (43-MER)'
4 non-polymer 'PHOSPHATE ION'
5 water water
#
loop_
_entity_poly.entity_id
_entity_poly.type
_entity_poly.pdbx_seq_one_letter_code
_entity_poly.pdbx_strand_id
1 'polypeptide(L)'
;MELIRIAMKKDLENDNSLMNKWATVAGLKNPNPLYDFLNHDGKTFNEFSSIVNIVKSQYPDREYELMKDYCLNLDVKTKA
ARSALEYADANMFFEIEDVLIDSMISCSNMKSKEYGKVYKIHRELSNSVITEFEAVKRLGKLNIKTPEMNSFSRLLLLYH
YLSTGNFSPMAQLIKQIDLSEISENMYIRNTYQTRVHVLMSNIKLNENSLEECREYSKKALESTNILRFQVFSYLTIGNS
LLFSNYELAQENFLKGLSISVQNENYNMIFQQALCFLNNVWRKENKWINFESDSIMDLQEQAHCFINFNENSKAKEVLDK
LDLLVHNDNELAMHYYLKGRLEQNKACFYSSIEYFKKSNDKFLIRLPLLELQKMGENQKLLELLLL
;
A,B
2 'polydeoxyribonucleotide'
;(DT)(DT)(DG)(DA)(DT)(DC)(DA)(DC)(DT)(DA)(DG)(DA)(DT)(DG)(DT)(DT)(DA)(DT)(DT)(DA)
(DA)(DA)(DA)(DC)(DC)(DT)(DA)(DA)(DT)(DA)(DT)(DT)(DT)(DA)(DA)(DG)(DT)(DG)(DA)(DT)
(DG)(DG)(DC)
;
C
3 'polydeoxyribonucleotide'
;(DG)(DC)(DC)(DA)(DT)(DC)(DA)(DC)(DT)(DT)(DA)(DA)(DA)(DT)(DA)(DT)(DT)(DA)(DG)(DG)
(DT)(DT)(DT)(DT)(DA)(DA)(DT)(DA)(DA)(DC)(DA)(DT)(DC)(DT)(DA)(DG)(DT)(DG)(DA)(DT)
(DC)(DA)(DA)
;
D
#
# COMPACT_ATOMS: atom_id res chain seq x y z
N MET A 1 -48.75 -5.24 5.43
CA MET A 1 -48.33 -6.50 4.68
C MET A 1 -47.40 -6.23 3.48
N GLU A 2 -46.24 -6.87 3.51
CA GLU A 2 -45.21 -6.71 2.50
C GLU A 2 -45.67 -7.17 1.11
N LEU A 3 -45.20 -6.48 0.07
CA LEU A 3 -45.55 -6.85 -1.32
C LEU A 3 -45.32 -8.32 -1.63
N ILE A 4 -44.20 -8.86 -1.18
CA ILE A 4 -43.88 -10.28 -1.42
C ILE A 4 -44.93 -11.23 -0.83
N ARG A 5 -45.44 -10.88 0.34
CA ARG A 5 -46.44 -11.74 0.97
C ARG A 5 -47.76 -11.69 0.23
N ILE A 6 -48.14 -10.51 -0.23
CA ILE A 6 -49.37 -10.36 -1.02
C ILE A 6 -49.23 -11.17 -2.30
N ALA A 7 -48.09 -11.05 -2.97
CA ALA A 7 -47.91 -11.74 -4.25
C ALA A 7 -47.94 -13.27 -4.07
N MET A 8 -47.28 -13.77 -3.04
CA MET A 8 -47.27 -15.21 -2.76
C MET A 8 -48.72 -15.70 -2.43
N LYS A 9 -49.50 -14.90 -1.71
CA LYS A 9 -50.91 -15.26 -1.41
C LYS A 9 -51.76 -15.35 -2.67
N LYS A 10 -51.59 -14.38 -3.58
CA LYS A 10 -52.25 -14.39 -4.88
C LYS A 10 -51.91 -15.65 -5.68
N ASP A 11 -50.62 -15.94 -5.87
CA ASP A 11 -50.22 -17.11 -6.66
C ASP A 11 -50.72 -18.43 -6.04
N LEU A 12 -50.82 -18.47 -4.70
CA LEU A 12 -51.43 -19.63 -4.01
C LEU A 12 -52.91 -19.85 -4.36
N GLU A 13 -53.70 -18.77 -4.35
CA GLU A 13 -55.11 -18.77 -4.83
C GLU A 13 -55.26 -19.47 -6.17
N ASN A 14 -54.44 -19.07 -7.15
CA ASN A 14 -54.48 -19.63 -8.50
C ASN A 14 -53.90 -21.03 -8.64
N ASP A 15 -53.08 -21.47 -7.69
CA ASP A 15 -52.36 -22.74 -7.82
C ASP A 15 -51.88 -23.24 -6.46
N ASN A 16 -52.62 -24.19 -5.90
CA ASN A 16 -52.35 -24.72 -4.55
C ASN A 16 -51.27 -25.80 -4.42
N SER A 17 -50.49 -26.05 -5.47
CA SER A 17 -49.28 -26.90 -5.36
C SER A 17 -48.00 -26.15 -4.93
N LEU A 18 -48.05 -24.81 -4.89
CA LEU A 18 -46.82 -24.00 -4.80
C LEU A 18 -46.03 -24.10 -3.49
N MET A 19 -46.71 -24.30 -2.35
CA MET A 19 -45.97 -24.21 -1.09
C MET A 19 -44.90 -25.30 -0.93
N ASN A 20 -45.14 -26.53 -1.37
CA ASN A 20 -44.07 -27.54 -1.37
C ASN A 20 -42.94 -27.27 -2.38
N LYS A 21 -43.25 -26.62 -3.51
CA LYS A 21 -42.22 -26.21 -4.48
C LYS A 21 -41.33 -25.12 -3.92
N TRP A 22 -41.97 -24.12 -3.32
CA TRP A 22 -41.27 -23.02 -2.67
C TRP A 22 -40.41 -23.48 -1.50
N ALA A 23 -40.93 -24.43 -0.70
CA ALA A 23 -40.16 -24.97 0.44
C ALA A 23 -38.83 -25.54 0.00
N THR A 24 -38.81 -26.37 -1.05
CA THR A 24 -37.54 -26.94 -1.50
C THR A 24 -36.61 -25.87 -2.15
N VAL A 25 -37.16 -24.92 -2.92
CA VAL A 25 -36.40 -23.76 -3.43
C VAL A 25 -35.72 -22.96 -2.27
N ALA A 26 -36.40 -22.88 -1.14
CA ALA A 26 -35.92 -22.19 0.05
C ALA A 26 -35.04 -23.02 0.98
N GLY A 27 -34.74 -24.28 0.66
CA GLY A 27 -33.93 -25.15 1.52
C GLY A 27 -34.59 -25.58 2.81
N LEU A 28 -35.92 -25.59 2.82
CA LEU A 28 -36.73 -26.00 3.98
C LEU A 28 -37.27 -27.40 3.76
N LYS A 29 -37.37 -28.17 4.84
CA LYS A 29 -37.76 -29.58 4.74
C LYS A 29 -39.26 -29.73 4.61
N ASN A 30 -40.03 -28.83 5.22
CA ASN A 30 -41.45 -28.71 4.94
C ASN A 30 -41.82 -27.23 4.85
N PRO A 31 -43.02 -26.92 4.35
CA PRO A 31 -43.41 -25.54 4.10
C PRO A 31 -44.08 -24.83 5.27
N ASN A 32 -44.03 -25.40 6.48
CA ASN A 32 -44.69 -24.77 7.64
C ASN A 32 -44.18 -23.37 7.97
N PRO A 33 -42.86 -23.13 7.84
CA PRO A 33 -42.35 -21.78 7.97
C PRO A 33 -42.89 -20.80 6.93
N LEU A 34 -43.17 -21.28 5.70
CA LEU A 34 -43.78 -20.42 4.67
C LEU A 34 -45.23 -20.04 5.04
N TYR A 35 -45.98 -20.96 5.63
CA TYR A 35 -47.35 -20.64 6.07
C TYR A 35 -47.27 -19.51 7.12
N ASP A 36 -46.43 -19.69 8.11
CA ASP A 36 -46.22 -18.64 9.13
C ASP A 36 -45.75 -17.28 8.52
N PHE A 37 -44.85 -17.37 7.53
CA PHE A 37 -44.41 -16.17 6.82
C PHE A 37 -45.58 -15.39 6.21
N LEU A 38 -46.49 -16.08 5.52
CA LEU A 38 -47.66 -15.40 4.93
C LEU A 38 -48.69 -14.93 5.95
N ASN A 39 -48.86 -15.68 7.04
CA ASN A 39 -49.99 -15.41 7.97
C ASN A 39 -49.64 -14.50 9.15
N HIS A 40 -48.35 -14.37 9.52
CA HIS A 40 -47.99 -13.63 10.73
C HIS A 40 -46.94 -12.54 10.45
N ASP A 41 -47.29 -11.28 10.71
CA ASP A 41 -46.38 -10.14 10.59
C ASP A 41 -45.12 -10.38 11.42
N GLY A 42 -43.97 -10.01 10.85
CA GLY A 42 -42.70 -10.00 11.59
C GLY A 42 -42.03 -11.36 11.68
N LYS A 43 -42.61 -12.36 11.02
CA LYS A 43 -41.99 -13.68 11.01
C LYS A 43 -40.88 -13.71 9.94
N THR A 44 -39.64 -14.04 10.35
CA THR A 44 -38.49 -14.05 9.45
C THR A 44 -38.01 -15.46 9.26
N PHE A 45 -37.19 -15.68 8.24
CA PHE A 45 -36.52 -16.94 8.07
C PHE A 45 -35.16 -16.92 8.78
N ASN A 46 -34.74 -18.09 9.26
CA ASN A 46 -33.47 -18.23 9.91
C ASN A 46 -32.34 -17.90 8.92
N GLU A 47 -32.51 -18.28 7.66
CA GLU A 47 -31.56 -17.92 6.62
C GLU A 47 -32.22 -17.10 5.49
N PHE A 48 -31.57 -16.00 5.15
CA PHE A 48 -32.13 -15.01 4.25
C PHE A 48 -32.31 -15.56 2.85
N SER A 49 -31.50 -16.57 2.48
CA SER A 49 -31.62 -17.21 1.20
C SER A 49 -33.00 -17.88 1.00
N SER A 50 -33.68 -18.26 2.09
CA SER A 50 -35.03 -18.77 1.98
C SER A 50 -35.93 -17.82 1.20
N ILE A 51 -35.92 -16.54 1.57
CA ILE A 51 -36.80 -15.60 0.87
C ILE A 51 -36.17 -15.15 -0.46
N VAL A 52 -34.86 -14.91 -0.49
CA VAL A 52 -34.19 -14.50 -1.74
C VAL A 52 -34.42 -15.51 -2.84
N ASN A 53 -34.22 -16.78 -2.55
CA ASN A 53 -34.35 -17.82 -3.58
C ASN A 53 -35.79 -17.96 -4.10
N ILE A 54 -36.79 -17.76 -3.26
CA ILE A 54 -38.17 -17.73 -3.72
C ILE A 54 -38.40 -16.54 -4.64
N VAL A 55 -37.94 -15.37 -4.24
CA VAL A 55 -38.10 -14.21 -5.10
C VAL A 55 -37.45 -14.43 -6.46
N LYS A 56 -36.26 -15.01 -6.49
CA LYS A 56 -35.55 -15.20 -7.78
C LYS A 56 -36.22 -16.30 -8.63
N SER A 57 -36.79 -17.33 -7.98
CA SER A 57 -37.48 -18.42 -8.70
C SER A 57 -38.85 -18.01 -9.23
N GLN A 58 -39.65 -17.36 -8.39
CA GLN A 58 -41.02 -16.96 -8.69
C GLN A 58 -41.22 -15.56 -9.26
N TYR A 59 -40.39 -14.59 -8.87
CA TYR A 59 -40.58 -13.19 -9.31
C TYR A 59 -39.29 -12.54 -9.81
N PRO A 60 -38.54 -13.25 -10.68
CA PRO A 60 -37.21 -12.77 -11.05
C PRO A 60 -37.18 -11.31 -11.54
N ASP A 61 -38.19 -10.91 -12.31
CA ASP A 61 -38.21 -9.55 -12.86
C ASP A 61 -38.72 -8.49 -11.90
N ARG A 62 -39.17 -8.88 -10.72
CA ARG A 62 -39.62 -7.93 -9.69
C ARG A 62 -38.72 -7.96 -8.43
N GLU A 63 -37.48 -8.44 -8.57
CA GLU A 63 -36.64 -8.62 -7.39
C GLU A 63 -36.45 -7.30 -6.64
N TYR A 64 -36.05 -6.25 -7.36
CA TYR A 64 -35.79 -4.98 -6.71
C TYR A 64 -37.02 -4.46 -5.96
N GLU A 65 -38.14 -4.33 -6.67
CA GLU A 65 -39.39 -3.79 -6.12
C GLU A 65 -39.78 -4.53 -4.83
N LEU A 66 -39.78 -5.85 -4.93
CA LEU A 66 -40.20 -6.70 -3.82
C LEU A 66 -39.22 -6.73 -2.63
N MET A 67 -37.90 -6.87 -2.91
CA MET A 67 -36.92 -6.98 -1.86
C MET A 67 -36.69 -5.62 -1.20
N LYS A 68 -36.88 -4.54 -1.95
CA LYS A 68 -36.80 -3.22 -1.34
C LYS A 68 -37.88 -3.02 -0.30
N ASP A 69 -39.11 -3.31 -0.69
CA ASP A 69 -40.20 -3.21 0.23
C ASP A 69 -40.00 -4.17 1.41
N TYR A 70 -39.54 -5.40 1.16
CA TYR A 70 -39.36 -6.36 2.24
C TYR A 70 -38.24 -5.89 3.21
N CYS A 71 -37.06 -5.55 2.67
CA CYS A 71 -35.89 -5.15 3.51
C CYS A 71 -36.20 -3.95 4.39
N LEU A 72 -36.87 -2.94 3.81
CA LEU A 72 -37.14 -1.69 4.52
C LEU A 72 -38.24 -1.77 5.57
N ASN A 73 -38.92 -2.91 5.65
CA ASN A 73 -39.91 -3.18 6.72
C ASN A 73 -39.44 -4.09 7.81
N LEU A 74 -38.21 -4.49 7.71
CA LEU A 74 -37.66 -5.44 8.63
C LEU A 74 -37.34 -4.72 9.94
N ASP A 75 -37.52 -5.44 11.04
CA ASP A 75 -37.04 -5.02 12.35
C ASP A 75 -35.49 -5.09 12.24
N VAL A 76 -34.87 -3.95 12.45
CA VAL A 76 -33.48 -3.73 12.18
C VAL A 76 -32.56 -4.43 13.22
N LYS A 77 -33.15 -4.85 14.33
CA LYS A 77 -32.45 -5.52 15.38
C LYS A 77 -32.30 -7.03 15.18
N THR A 78 -32.60 -7.54 14.00
CA THR A 78 -32.60 -8.99 13.77
C THR A 78 -31.50 -9.44 12.80
N LYS A 79 -31.20 -10.73 12.88
CA LYS A 79 -30.41 -11.43 11.88
C LYS A 79 -30.85 -11.17 10.45
N ALA A 80 -32.17 -11.14 10.24
CA ALA A 80 -32.71 -10.90 8.91
C ALA A 80 -32.28 -9.53 8.34
N ALA A 81 -32.36 -8.48 9.15
CA ALA A 81 -31.91 -7.14 8.72
C ALA A 81 -30.41 -7.07 8.46
N ARG A 82 -29.63 -7.80 9.26
CA ARG A 82 -28.22 -7.88 9.05
C ARG A 82 -27.93 -8.53 7.69
N SER A 83 -28.68 -9.56 7.36
CA SER A 83 -28.58 -10.20 6.09
C SER A 83 -28.99 -9.25 4.98
N ALA A 84 -30.06 -8.49 5.21
CA ALA A 84 -30.52 -7.48 4.24
C ALA A 84 -29.49 -6.41 3.94
N LEU A 85 -28.68 -6.08 4.92
CA LEU A 85 -27.64 -5.09 4.75
C LEU A 85 -26.63 -5.59 3.72
N GLU A 86 -26.16 -6.83 3.89
CA GLU A 86 -25.22 -7.42 2.93
C GLU A 86 -25.89 -7.60 1.58
N TYR A 87 -27.16 -8.01 1.55
CA TYR A 87 -27.93 -8.13 0.32
C TYR A 87 -27.91 -6.80 -0.38
N ALA A 88 -28.22 -5.73 0.33
CA ALA A 88 -28.27 -4.41 -0.30
C ALA A 88 -26.92 -4.03 -0.88
N ASP A 89 -25.86 -4.19 -0.09
CA ASP A 89 -24.52 -3.85 -0.57
C ASP A 89 -24.05 -4.74 -1.72
N ALA A 90 -24.30 -6.04 -1.66
CA ALA A 90 -23.86 -6.93 -2.72
C ALA A 90 -24.53 -6.62 -4.05
N ASN A 91 -25.81 -6.26 -4.00
CA ASN A 91 -26.59 -5.91 -5.18
C ASN A 91 -26.43 -4.45 -5.57
N MET A 92 -25.64 -3.69 -4.80
CA MET A 92 -25.42 -2.27 -5.05
C MET A 92 -26.73 -1.50 -4.99
N PHE A 93 -27.63 -1.90 -4.08
CA PHE A 93 -28.90 -1.16 -3.85
C PHE A 93 -28.65 -0.15 -2.74
N PHE A 94 -28.03 0.97 -3.11
CA PHE A 94 -27.46 1.87 -2.11
C PHE A 94 -28.49 2.70 -1.38
N GLU A 95 -29.62 2.98 -2.01
CA GLU A 95 -30.67 3.71 -1.31
C GLU A 95 -31.20 2.84 -0.19
N ILE A 96 -31.38 1.54 -0.46
CA ILE A 96 -31.75 0.60 0.60
C ILE A 96 -30.66 0.47 1.67
N GLU A 97 -29.41 0.33 1.25
CA GLU A 97 -28.30 0.12 2.19
C GLU A 97 -28.17 1.25 3.15
N ASP A 98 -28.23 2.50 2.67
CA ASP A 98 -27.95 3.66 3.51
C ASP A 98 -29.04 3.89 4.53
N VAL A 99 -30.28 3.55 4.19
CA VAL A 99 -31.38 3.64 5.17
C VAL A 99 -31.22 2.58 6.26
N LEU A 100 -30.87 1.36 5.88
CA LEU A 100 -30.60 0.29 6.86
C LEU A 100 -29.47 0.66 7.79
N ILE A 101 -28.39 1.21 7.22
CA ILE A 101 -27.23 1.61 8.00
C ILE A 101 -27.63 2.67 9.04
N ASP A 102 -28.34 3.69 8.58
CA ASP A 102 -28.68 4.80 9.43
C ASP A 102 -29.60 4.36 10.59
N SER A 103 -30.54 3.44 10.39
CA SER A 103 -31.31 2.96 11.54
C SER A 103 -30.60 1.87 12.35
N MET A 104 -29.61 1.18 11.78
CA MET A 104 -28.85 0.14 12.54
C MET A 104 -27.83 0.77 13.49
N ILE A 105 -27.22 1.84 13.07
CA ILE A 105 -26.23 2.55 13.89
C ILE A 105 -26.81 3.13 15.18
N SER A 106 -28.10 3.46 15.16
CA SER A 106 -28.83 4.00 16.29
C SER A 106 -29.64 2.96 17.09
N CYS A 107 -29.73 1.72 16.63
CA CYS A 107 -30.55 0.73 17.32
C CYS A 107 -29.78 0.19 18.50
N SER A 108 -30.48 -0.49 19.38
CA SER A 108 -29.90 -0.94 20.64
C SER A 108 -29.49 -2.42 20.62
N ASN A 109 -29.63 -3.11 19.48
CA ASN A 109 -29.05 -4.44 19.34
C ASN A 109 -27.59 -4.27 18.92
N MET A 110 -26.70 -4.89 19.69
CA MET A 110 -25.30 -4.65 19.61
C MET A 110 -24.73 -5.21 18.31
N LYS A 111 -25.23 -6.36 17.87
CA LYS A 111 -24.77 -6.94 16.61
C LYS A 111 -25.17 -6.11 15.40
N SER A 112 -26.42 -5.71 15.34
CA SER A 112 -26.87 -4.87 14.26
C SER A 112 -26.13 -3.56 14.21
N LYS A 113 -25.86 -2.98 15.37
CA LYS A 113 -25.11 -1.74 15.47
C LYS A 113 -23.70 -1.88 14.91
N GLU A 114 -23.02 -2.95 15.28
CA GLU A 114 -21.68 -3.25 14.78
C GLU A 114 -21.71 -3.44 13.23
N TYR A 115 -22.64 -4.24 12.71
CA TYR A 115 -22.70 -4.44 11.26
C TYR A 115 -22.96 -3.07 10.61
N GLY A 116 -23.90 -2.32 11.15
CA GLY A 116 -24.23 -1.02 10.60
C GLY A 116 -23.04 -0.07 10.56
N LYS A 117 -22.26 -0.04 11.63
CA LYS A 117 -21.11 0.83 11.69
C LYS A 117 -19.97 0.41 10.76
N VAL A 118 -19.75 -0.88 10.64
CA VAL A 118 -18.75 -1.39 9.75
C VAL A 118 -19.11 -1.08 8.28
N TYR A 119 -20.36 -1.33 7.88
CA TYR A 119 -20.79 -1.03 6.52
C TYR A 119 -20.78 0.47 6.25
N LYS A 120 -21.02 1.30 7.28
CA LYS A 120 -20.94 2.76 7.09
C LYS A 120 -19.50 3.19 6.79
N ILE A 121 -18.54 2.55 7.45
CA ILE A 121 -17.15 2.83 7.14
C ILE A 121 -16.85 2.44 5.71
N HIS A 122 -17.35 1.29 5.28
CA HIS A 122 -17.17 0.85 3.89
C HIS A 122 -17.76 1.85 2.89
N ARG A 123 -18.97 2.34 3.16
CA ARG A 123 -19.62 3.29 2.28
C ARG A 123 -18.84 4.60 2.27
N GLU A 124 -18.42 5.06 3.42
CA GLU A 124 -17.59 6.28 3.51
C GLU A 124 -16.22 6.15 2.81
N LEU A 125 -15.56 5.03 3.01
CA LEU A 125 -14.30 4.78 2.34
C LEU A 125 -14.43 4.66 0.83
N SER A 126 -15.37 3.85 0.34
CA SER A 126 -15.56 3.71 -1.12
C SER A 126 -16.06 5.02 -1.77
N ASN A 127 -16.61 5.97 -1.01
CA ASN A 127 -16.97 7.30 -1.55
C ASN A 127 -15.92 8.39 -1.29
N SER A 128 -14.71 8.01 -0.86
CA SER A 128 -13.65 8.96 -0.52
C SER A 128 -14.04 10.07 0.46
N VAL A 129 -14.98 9.80 1.37
CA VAL A 129 -15.30 10.72 2.46
C VAL A 129 -14.24 10.64 3.57
N ILE A 130 -13.61 9.48 3.73
CA ILE A 130 -12.52 9.30 4.70
C ILE A 130 -11.33 8.63 4.07
N THR A 131 -10.18 8.75 4.72
CA THR A 131 -8.97 8.07 4.30
C THR A 131 -8.94 6.66 4.85
N GLU A 132 -8.09 5.87 4.22
CA GLU A 132 -7.89 4.50 4.66
C GLU A 132 -7.44 4.41 6.12
N PHE A 133 -6.55 5.31 6.50
CA PHE A 133 -6.07 5.38 7.88
C PHE A 133 -7.24 5.60 8.85
N GLU A 134 -8.10 6.58 8.52
CA GLU A 134 -9.24 6.94 9.38
CA GLU A 134 -9.20 6.90 9.40
C GLU A 134 -10.19 5.73 9.46
N ALA A 135 -10.38 5.06 8.32
CA ALA A 135 -11.26 3.91 8.26
C ALA A 135 -10.79 2.79 9.17
N VAL A 136 -9.51 2.45 9.10
CA VAL A 136 -9.09 1.32 9.92
C VAL A 136 -8.96 1.66 11.40
N LYS A 137 -8.64 2.92 11.73
CA LYS A 137 -8.71 3.33 13.11
C LYS A 137 -10.13 3.22 13.64
N ARG A 138 -11.11 3.59 12.82
CA ARG A 138 -12.51 3.45 13.26
C ARG A 138 -12.88 1.97 13.49
N LEU A 139 -12.43 1.11 12.58
CA LEU A 139 -12.62 -0.32 12.76
C LEU A 139 -12.06 -0.85 14.09
N GLY A 140 -10.88 -0.39 14.47
CA GLY A 140 -10.25 -0.82 15.74
C GLY A 140 -11.00 -0.33 17.02
N LYS A 141 -11.50 0.88 16.88
CA LYS A 141 -12.28 1.58 17.91
C LYS A 141 -13.68 0.91 18.09
N LEU A 142 -14.22 0.26 17.05
CA LEU A 142 -15.49 -0.48 17.19
C LEU A 142 -15.46 -1.70 18.07
N ASN A 143 -14.29 -2.30 18.27
CA ASN A 143 -14.20 -3.46 19.12
C ASN A 143 -15.00 -4.65 18.54
N ILE A 144 -14.70 -4.98 17.30
CA ILE A 144 -15.49 -5.95 16.55
C ILE A 144 -15.51 -7.34 17.23
N LYS A 145 -16.73 -7.87 17.44
CA LYS A 145 -16.97 -9.20 18.02
C LYS A 145 -17.33 -10.31 17.06
N THR A 146 -18.03 -10.02 15.98
CA THR A 146 -18.59 -11.08 15.14
C THR A 146 -17.60 -11.55 14.09
N PRO A 147 -17.55 -12.86 13.84
CA PRO A 147 -16.68 -13.35 12.72
C PRO A 147 -17.05 -12.73 11.38
N GLU A 148 -18.33 -12.43 11.19
CA GLU A 148 -18.82 -11.79 9.97
C GLU A 148 -18.16 -10.44 9.74
N MET A 149 -18.19 -9.56 10.74
CA MET A 149 -17.60 -8.25 10.56
C MET A 149 -16.07 -8.31 10.62
N ASN A 150 -15.49 -9.29 11.31
CA ASN A 150 -14.06 -9.54 11.20
C ASN A 150 -13.64 -9.78 9.73
N SER A 151 -14.39 -10.61 9.02
CA SER A 151 -14.12 -10.85 7.59
C SER A 151 -14.39 -9.62 6.73
N PHE A 152 -15.50 -8.92 6.98
CA PHE A 152 -15.84 -7.77 6.14
C PHE A 152 -14.92 -6.56 6.37
N SER A 153 -14.39 -6.42 7.58
CA SER A 153 -13.44 -5.37 7.84
C SER A 153 -12.24 -5.49 6.89
N ARG A 154 -11.83 -6.72 6.59
CA ARG A 154 -10.80 -6.99 5.57
C ARG A 154 -11.30 -6.81 4.14
N LEU A 155 -12.50 -7.31 3.81
CA LEU A 155 -13.03 -7.12 2.48
C LEU A 155 -13.16 -5.65 2.10
N LEU A 156 -13.67 -4.81 2.98
CA LEU A 156 -13.85 -3.40 2.61
C LEU A 156 -12.56 -2.68 2.30
N LEU A 157 -11.49 -3.08 2.98
CA LEU A 157 -10.15 -2.59 2.71
C LEU A 157 -9.64 -3.08 1.35
N LEU A 158 -9.80 -4.36 1.08
CA LEU A 158 -9.47 -4.93 -0.23
C LEU A 158 -10.18 -4.16 -1.35
N TYR A 159 -11.46 -3.81 -1.18
CA TYR A 159 -12.13 -2.99 -2.23
C TYR A 159 -11.43 -1.63 -2.38
N HIS A 160 -11.01 -1.01 -1.26
CA HIS A 160 -10.36 0.28 -1.37
C HIS A 160 -9.02 0.17 -2.11
N TYR A 161 -8.24 -0.85 -1.78
CA TYR A 161 -6.98 -1.12 -2.44
C TYR A 161 -7.13 -1.29 -3.95
N LEU A 162 -8.18 -2.01 -4.33
CA LEU A 162 -8.51 -2.26 -5.71
C LEU A 162 -8.90 -0.99 -6.42
N SER A 163 -9.78 -0.19 -5.83
CA SER A 163 -10.19 1.05 -6.48
C SER A 163 -9.06 2.07 -6.63
N THR A 164 -8.01 1.98 -5.82
CA THR A 164 -6.90 2.96 -5.86
C THR A 164 -5.61 2.38 -6.47
N GLY A 165 -5.71 1.21 -7.11
CA GLY A 165 -4.54 0.53 -7.69
C GLY A 165 -3.43 0.10 -6.75
N ASN A 166 -3.71 0.01 -5.46
CA ASN A 166 -2.70 -0.39 -4.48
C ASN A 166 -2.72 -1.94 -4.29
N PHE A 167 -2.20 -2.67 -5.26
CA PHE A 167 -2.30 -4.14 -5.28
C PHE A 167 -1.36 -4.89 -4.34
N SER A 168 -0.24 -4.29 -3.90
CA SER A 168 0.77 -5.08 -3.16
C SER A 168 0.33 -5.63 -1.80
N PRO A 169 -0.43 -4.86 -1.01
CA PRO A 169 -0.93 -5.48 0.23
C PRO A 169 -2.11 -6.46 0.01
N MET A 170 -2.74 -6.50 -1.18
CA MET A 170 -3.94 -7.33 -1.39
C MET A 170 -3.75 -8.84 -1.12
N ALA A 171 -2.67 -9.44 -1.61
CA ALA A 171 -2.51 -10.92 -1.50
C ALA A 171 -2.39 -11.40 -0.05
N GLN A 172 -1.59 -10.68 0.71
CA GLN A 172 -1.40 -10.97 2.14
C GLN A 172 -2.70 -10.76 2.95
N LEU A 173 -3.42 -9.67 2.68
CA LEU A 173 -4.65 -9.35 3.44
C LEU A 173 -5.77 -10.36 3.14
N ILE A 174 -5.94 -10.74 1.86
CA ILE A 174 -7.01 -11.65 1.46
C ILE A 174 -6.83 -13.06 2.06
N LYS A 175 -5.57 -13.47 2.20
CA LYS A 175 -5.19 -14.69 2.90
C LYS A 175 -5.60 -14.72 4.37
N GLN A 176 -5.66 -13.57 5.05
CA GLN A 176 -6.06 -13.50 6.47
C GLN A 176 -7.55 -13.79 6.63
N ILE A 177 -8.36 -13.64 5.56
CA ILE A 177 -9.80 -13.78 5.68
C ILE A 177 -10.10 -15.26 5.93
N ASP A 178 -10.87 -15.56 6.97
CA ASP A 178 -11.19 -16.95 7.28
C ASP A 178 -12.70 -17.11 7.45
N LEU A 179 -13.34 -17.46 6.34
CA LEU A 179 -14.79 -17.65 6.25
C LEU A 179 -15.29 -18.84 7.03
N SER A 180 -14.43 -19.83 7.25
CA SER A 180 -14.83 -20.99 8.05
C SER A 180 -15.18 -20.62 9.49
N GLU A 181 -14.75 -19.46 9.98
CA GLU A 181 -15.04 -19.02 11.35
C GLU A 181 -16.47 -18.50 11.52
N ILE A 182 -17.15 -18.22 10.40
CA ILE A 182 -18.53 -17.75 10.44
C ILE A 182 -19.47 -18.89 10.74
N SER A 183 -20.20 -18.80 11.85
CA SER A 183 -21.19 -19.84 12.20
C SER A 183 -22.64 -19.35 12.24
N GLU A 184 -22.90 -18.07 12.39
CA GLU A 184 -24.28 -17.57 12.51
C GLU A 184 -24.96 -17.39 11.13
N ASN A 185 -24.37 -16.59 10.23
CA ASN A 185 -25.07 -16.14 9.04
C ASN A 185 -24.52 -16.78 7.76
N MET A 186 -25.18 -17.87 7.30
CA MET A 186 -24.75 -18.57 6.11
C MET A 186 -25.03 -17.74 4.83
N TYR A 187 -26.10 -16.94 4.81
CA TYR A 187 -26.28 -16.06 3.66
C TYR A 187 -25.02 -15.18 3.46
N ILE A 188 -24.59 -14.54 4.54
CA ILE A 188 -23.42 -13.64 4.49
C ILE A 188 -22.16 -14.46 4.20
N ARG A 189 -22.03 -15.61 4.85
CA ARG A 189 -20.87 -16.42 4.61
C ARG A 189 -20.73 -16.76 3.13
N ASN A 190 -21.84 -17.14 2.47
CA ASN A 190 -21.80 -17.55 1.06
C ASN A 190 -21.61 -16.37 0.13
N THR A 191 -22.25 -15.25 0.41
CA THR A 191 -21.99 -14.08 -0.42
C THR A 191 -20.54 -13.63 -0.24
N TYR A 192 -19.98 -13.73 0.95
CA TYR A 192 -18.56 -13.30 1.15
C TYR A 192 -17.63 -14.22 0.39
N GLN A 193 -17.95 -15.50 0.32
CA GLN A 193 -17.14 -16.43 -0.50
C GLN A 193 -17.12 -15.99 -1.97
N THR A 194 -18.29 -15.55 -2.45
CA THR A 194 -18.39 -15.05 -3.80
C THR A 194 -17.49 -13.84 -3.93
N ARG A 195 -17.58 -12.91 -2.99
CA ARG A 195 -16.74 -11.71 -3.03
C ARG A 195 -15.26 -12.06 -3.05
N VAL A 196 -14.85 -13.05 -2.27
CA VAL A 196 -13.44 -13.45 -2.25
C VAL A 196 -13.01 -13.97 -3.64
N HIS A 197 -13.87 -14.78 -4.28
CA HIS A 197 -13.55 -15.30 -5.58
C HIS A 197 -13.36 -14.15 -6.57
N VAL A 198 -14.26 -13.16 -6.56
CA VAL A 198 -14.10 -12.09 -7.53
C VAL A 198 -12.91 -11.18 -7.26
N LEU A 199 -12.62 -10.92 -5.98
CA LEU A 199 -11.39 -10.22 -5.65
C LEU A 199 -10.17 -10.99 -6.08
N MET A 200 -10.13 -12.30 -5.84
CA MET A 200 -8.98 -13.11 -6.28
C MET A 200 -8.84 -13.00 -7.79
N SER A 201 -9.97 -13.03 -8.50
CA SER A 201 -9.91 -12.89 -9.94
C SER A 201 -9.26 -11.56 -10.33
N ASN A 202 -9.61 -10.47 -9.67
CA ASN A 202 -9.03 -9.15 -10.05
C ASN A 202 -7.56 -9.00 -9.70
N ILE A 203 -7.16 -9.64 -8.60
CA ILE A 203 -5.76 -9.65 -8.24
C ILE A 203 -4.98 -10.40 -9.33
N LYS A 204 -5.49 -11.55 -9.77
CA LYS A 204 -4.78 -12.32 -10.79
C LYS A 204 -4.72 -11.56 -12.11
N LEU A 205 -5.79 -10.85 -12.47
CA LEU A 205 -5.77 -10.00 -13.68
C LEU A 205 -4.65 -8.99 -13.59
N ASN A 206 -4.52 -8.36 -12.43
CA ASN A 206 -3.42 -7.42 -12.22
C ASN A 206 -2.01 -7.98 -12.29
N GLU A 207 -1.82 -9.16 -11.77
CA GLU A 207 -0.56 -9.88 -11.88
C GLU A 207 -0.28 -10.45 -13.30
N ASN A 208 -1.23 -10.29 -14.23
CA ASN A 208 -1.15 -10.85 -15.58
C ASN A 208 -1.06 -12.38 -15.57
N SER A 209 -1.72 -12.97 -14.58
CA SER A 209 -1.89 -14.42 -14.47
C SER A 209 -3.32 -14.70 -14.99
N LEU A 210 -3.46 -14.73 -16.31
CA LEU A 210 -4.77 -14.58 -16.95
C LEU A 210 -5.65 -15.85 -16.86
N GLU A 211 -5.02 -17.01 -16.85
CA GLU A 211 -5.73 -18.26 -16.74
C GLU A 211 -6.29 -18.41 -15.34
N GLU A 212 -5.48 -18.06 -14.36
CA GLU A 212 -5.91 -18.10 -12.98
C GLU A 212 -7.07 -17.11 -12.74
N CYS A 213 -6.94 -15.93 -13.34
CA CYS A 213 -7.98 -14.91 -13.32
C CYS A 213 -9.34 -15.48 -13.77
N ARG A 214 -9.33 -16.18 -14.90
CA ARG A 214 -10.53 -16.80 -15.41
C ARG A 214 -11.05 -17.89 -14.50
N GLU A 215 -10.16 -18.73 -13.99
CA GLU A 215 -10.56 -19.77 -13.03
C GLU A 215 -11.25 -19.19 -11.80
N TYR A 216 -10.79 -18.06 -11.28
CA TYR A 216 -11.46 -17.45 -10.12
C TYR A 216 -12.83 -16.87 -10.45
N SER A 217 -12.95 -16.22 -11.60
CA SER A 217 -14.25 -15.68 -12.06
C SER A 217 -15.24 -16.83 -12.31
N LYS A 218 -14.77 -17.94 -12.86
CA LYS A 218 -15.62 -19.12 -13.03
C LYS A 218 -16.08 -19.67 -11.67
N LYS A 219 -15.18 -19.72 -10.68
CA LYS A 219 -15.63 -20.08 -9.33
C LYS A 219 -16.70 -19.11 -8.78
N ALA A 220 -16.52 -17.82 -9.07
CA ALA A 220 -17.46 -16.82 -8.61
C ALA A 220 -18.83 -17.11 -9.22
N LEU A 221 -18.86 -17.32 -10.53
CA LEU A 221 -20.10 -17.62 -11.24
C LEU A 221 -20.83 -18.85 -10.68
N GLU A 222 -20.11 -19.93 -10.42
CA GLU A 222 -20.71 -21.14 -9.85
C GLU A 222 -21.21 -20.98 -8.44
N SER A 223 -20.73 -19.98 -7.72
CA SER A 223 -21.06 -19.79 -6.30
C SER A 223 -22.23 -18.82 -6.08
N THR A 224 -22.76 -18.19 -7.13
CA THR A 224 -23.69 -17.06 -6.94
C THR A 224 -24.92 -17.10 -7.88
N ASN A 225 -25.98 -16.42 -7.44
CA ASN A 225 -27.15 -16.12 -8.26
C ASN A 225 -27.40 -14.59 -8.25
N ILE A 226 -26.37 -13.81 -7.90
CA ILE A 226 -26.52 -12.37 -7.71
C ILE A 226 -25.96 -11.70 -8.94
N LEU A 227 -26.77 -10.86 -9.54
CA LEU A 227 -26.48 -10.25 -10.82
C LEU A 227 -25.19 -9.45 -10.78
N ARG A 228 -24.99 -8.67 -9.75
CA ARG A 228 -23.78 -7.85 -9.64
C ARG A 228 -22.51 -8.68 -9.81
N PHE A 229 -22.46 -9.87 -9.20
CA PHE A 229 -21.22 -10.66 -9.24
C PHE A 229 -21.09 -11.37 -10.58
N GLN A 230 -22.21 -11.72 -11.17
CA GLN A 230 -22.22 -12.29 -12.50
C GLN A 230 -21.71 -11.26 -13.50
N VAL A 231 -22.22 -10.04 -13.42
CA VAL A 231 -21.77 -8.92 -14.24
C VAL A 231 -20.28 -8.71 -14.13
N PHE A 232 -19.76 -8.55 -12.92
CA PHE A 232 -18.34 -8.25 -12.79
C PHE A 232 -17.45 -9.44 -13.14
N SER A 233 -17.96 -10.67 -12.99
CA SER A 233 -17.23 -11.83 -13.45
C SER A 233 -17.08 -11.88 -14.99
N TYR A 234 -18.18 -11.72 -15.72
CA TYR A 234 -18.09 -11.64 -17.17
C TYR A 234 -17.22 -10.51 -17.63
N LEU A 235 -17.32 -9.36 -16.97
CA LEU A 235 -16.48 -8.21 -17.30
C LEU A 235 -14.98 -8.54 -17.11
N THR A 236 -14.66 -9.20 -16.01
CA THR A 236 -13.28 -9.58 -15.75
C THR A 236 -12.77 -10.65 -16.72
N ILE A 237 -13.60 -11.62 -17.03
CA ILE A 237 -13.20 -12.67 -17.94
C ILE A 237 -12.92 -12.04 -19.30
N GLY A 238 -13.84 -11.19 -19.75
CA GLY A 238 -13.67 -10.47 -21.03
C GLY A 238 -12.42 -9.61 -21.05
N ASN A 239 -12.22 -8.87 -19.97
CA ASN A 239 -11.00 -8.04 -19.85
C ASN A 239 -9.74 -8.89 -19.91
N SER A 240 -9.78 -10.07 -19.32
CA SER A 240 -8.60 -10.92 -19.35
C SER A 240 -8.24 -11.43 -20.77
N LEU A 241 -9.19 -11.33 -21.70
CA LEU A 241 -9.03 -11.74 -23.08
C LEU A 241 -8.92 -10.60 -24.05
N LEU A 242 -9.11 -9.37 -23.59
CA LEU A 242 -9.24 -8.20 -24.47
C LEU A 242 -8.06 -8.02 -25.43
N PHE A 243 -6.85 -8.27 -24.97
CA PHE A 243 -5.65 -8.04 -25.80
C PHE A 243 -5.20 -9.29 -26.55
N SER A 244 -5.91 -10.41 -26.38
CA SER A 244 -5.49 -11.60 -27.03
C SER A 244 -6.54 -12.31 -27.90
N ASN A 245 -7.84 -12.11 -27.65
CA ASN A 245 -8.83 -12.90 -28.38
C ASN A 245 -10.12 -12.10 -28.50
N TYR A 246 -10.26 -11.44 -29.63
CA TYR A 246 -11.42 -10.60 -29.89
C TYR A 246 -12.76 -11.35 -29.65
N GLU A 247 -12.89 -12.53 -30.25
CA GLU A 247 -14.15 -13.24 -30.22
C GLU A 247 -14.53 -13.73 -28.82
N LEU A 248 -13.57 -14.24 -28.07
CA LEU A 248 -13.90 -14.70 -26.72
C LEU A 248 -14.16 -13.52 -25.78
N ALA A 249 -13.47 -12.40 -25.99
CA ALA A 249 -13.71 -11.23 -25.18
C ALA A 249 -15.14 -10.74 -25.45
N GLN A 250 -15.46 -10.65 -26.74
CA GLN A 250 -16.78 -10.24 -27.19
C GLN A 250 -17.91 -11.15 -26.67
N GLU A 251 -17.67 -12.44 -26.68
CA GLU A 251 -18.63 -13.38 -26.17
C GLU A 251 -18.90 -13.11 -24.69
N ASN A 252 -17.86 -12.84 -23.88
CA ASN A 252 -18.09 -12.55 -22.47
C ASN A 252 -18.82 -11.22 -22.27
N PHE A 253 -18.46 -10.21 -23.05
CA PHE A 253 -19.12 -8.92 -22.89
C PHE A 253 -20.59 -8.97 -23.37
N LEU A 254 -20.85 -9.73 -24.44
CA LEU A 254 -22.24 -9.89 -24.93
C LEU A 254 -23.09 -10.72 -23.97
N LYS A 255 -22.47 -11.72 -23.35
CA LYS A 255 -23.16 -12.42 -22.29
C LYS A 255 -23.54 -11.51 -21.18
N GLY A 256 -22.60 -10.69 -20.76
CA GLY A 256 -22.86 -9.75 -19.67
C GLY A 256 -23.94 -8.79 -20.06
N LEU A 257 -23.85 -8.28 -21.29
CA LEU A 257 -24.87 -7.37 -21.76
C LEU A 257 -26.25 -8.04 -21.81
N SER A 258 -26.29 -9.28 -22.25
CA SER A 258 -27.60 -9.97 -22.35
C SER A 258 -28.25 -10.20 -20.97
N ILE A 259 -27.48 -10.34 -19.89
CA ILE A 259 -28.08 -10.56 -18.58
C ILE A 259 -28.38 -9.26 -17.88
N SER A 260 -27.96 -8.15 -18.44
CA SER A 260 -28.04 -6.94 -17.70
C SER A 260 -28.63 -5.80 -18.53
N VAL A 261 -29.23 -6.10 -19.67
CA VAL A 261 -29.70 -5.07 -20.60
C VAL A 261 -30.82 -4.19 -20.02
N GLN A 262 -31.70 -4.82 -19.25
CA GLN A 262 -32.70 -4.16 -18.36
C GLN A 262 -32.22 -3.20 -17.24
N ASN A 263 -30.94 -3.22 -16.87
CA ASN A 263 -30.39 -2.28 -15.86
C ASN A 263 -29.49 -1.24 -16.52
N GLU A 264 -29.81 0.05 -16.39
CA GLU A 264 -29.08 1.12 -17.11
C GLU A 264 -27.57 1.12 -16.80
N ASN A 265 -27.23 0.97 -15.52
CA ASN A 265 -25.80 0.97 -15.09
C ASN A 265 -25.02 -0.18 -15.75
N TYR A 266 -25.55 -1.40 -15.68
CA TYR A 266 -24.80 -2.54 -16.16
C TYR A 266 -24.76 -2.60 -17.67
N ASN A 267 -25.87 -2.21 -18.32
CA ASN A 267 -25.94 -1.99 -19.73
C ASN A 267 -24.82 -1.10 -20.20
N MET A 268 -24.67 0.07 -19.59
CA MET A 268 -23.67 1.03 -20.04
C MET A 268 -22.24 0.45 -19.78
N ILE A 269 -22.06 -0.29 -18.71
CA ILE A 269 -20.77 -0.92 -18.47
C ILE A 269 -20.36 -1.87 -19.60
N PHE A 270 -21.28 -2.69 -20.08
CA PHE A 270 -20.93 -3.59 -21.15
C PHE A 270 -20.84 -2.88 -22.49
N GLN A 271 -21.62 -1.82 -22.68
CA GLN A 271 -21.47 -1.00 -23.90
C GLN A 271 -20.10 -0.39 -23.99
N GLN A 272 -19.59 0.08 -22.85
CA GLN A 272 -18.27 0.67 -22.75
C GLN A 272 -17.18 -0.39 -22.92
N ALA A 273 -17.35 -1.57 -22.37
CA ALA A 273 -16.39 -2.65 -22.60
C ALA A 273 -16.34 -3.07 -24.09
N LEU A 274 -17.50 -3.22 -24.71
CA LEU A 274 -17.54 -3.52 -26.15
C LEU A 274 -16.91 -2.41 -27.02
N CYS A 275 -17.16 -1.18 -26.63
CA CYS A 275 -16.56 -0.02 -27.28
C CYS A 275 -15.01 -0.06 -27.22
N PHE A 276 -14.47 -0.24 -26.01
CA PHE A 276 -13.02 -0.40 -25.79
C PHE A 276 -12.53 -1.55 -26.69
N LEU A 277 -13.18 -2.72 -26.60
CA LEU A 277 -12.76 -3.90 -27.39
C LEU A 277 -12.66 -3.62 -28.88
N ASN A 278 -13.69 -3.03 -29.44
CA ASN A 278 -13.67 -2.76 -30.85
C ASN A 278 -12.60 -1.70 -31.24
N ASN A 279 -12.32 -0.74 -30.34
CA ASN A 279 -11.23 0.21 -30.62
C ASN A 279 -9.84 -0.43 -30.53
N VAL A 280 -9.63 -1.31 -29.56
CA VAL A 280 -8.38 -2.02 -29.44
C VAL A 280 -8.08 -2.79 -30.70
N TRP A 281 -9.07 -3.48 -31.24
CA TRP A 281 -8.87 -4.28 -32.44
C TRP A 281 -9.12 -3.49 -33.73
N ARG A 282 -9.42 -2.19 -33.64
CA ARG A 282 -9.52 -1.34 -34.84
C ARG A 282 -10.61 -1.78 -35.78
N LYS A 283 -11.76 -2.06 -35.22
CA LYS A 283 -12.94 -2.45 -35.99
C LYS A 283 -13.93 -1.31 -35.99
N GLU A 284 -14.88 -1.37 -36.90
CA GLU A 284 -16.06 -0.48 -36.85
C GLU A 284 -16.71 -0.62 -35.51
N ASN A 285 -17.20 0.49 -34.98
CA ASN A 285 -17.59 0.57 -33.59
C ASN A 285 -18.97 1.20 -33.41
N LYS A 286 -19.95 0.34 -33.25
CA LYS A 286 -21.35 0.80 -33.06
C LYS A 286 -21.64 1.20 -31.62
N TRP A 287 -20.64 1.06 -30.73
CA TRP A 287 -20.85 1.22 -29.30
C TRP A 287 -20.44 2.59 -28.76
N ILE A 288 -19.98 3.47 -29.65
CA ILE A 288 -19.51 4.78 -29.25
C ILE A 288 -20.69 5.58 -28.76
N ASN A 289 -20.51 6.18 -27.59
CA ASN A 289 -21.51 7.05 -26.97
C ASN A 289 -21.18 8.52 -27.26
N PHE A 290 -21.66 9.00 -28.41
CA PHE A 290 -21.53 10.40 -28.80
C PHE A 290 -22.23 11.39 -27.88
N GLU A 291 -23.18 10.92 -27.07
CA GLU A 291 -23.95 11.79 -26.15
C GLU A 291 -23.21 12.12 -24.84
N SER A 292 -22.26 11.27 -24.44
CA SER A 292 -21.50 11.51 -23.22
C SER A 292 -20.44 12.57 -23.44
N ASP A 293 -20.16 13.32 -22.37
CA ASP A 293 -19.00 14.16 -22.25
C ASP A 293 -18.01 13.68 -21.19
N SER A 294 -18.18 12.46 -20.66
CA SER A 294 -17.17 11.90 -19.76
C SER A 294 -15.83 11.70 -20.52
N ILE A 295 -14.73 11.68 -19.77
CA ILE A 295 -13.39 11.51 -20.35
C ILE A 295 -13.27 10.18 -21.12
N MET A 296 -13.70 9.08 -20.47
CA MET A 296 -13.66 7.72 -21.00
C MET A 296 -14.34 7.68 -22.39
N ASP A 297 -15.56 8.21 -22.47
CA ASP A 297 -16.35 8.11 -23.72
C ASP A 297 -15.78 9.00 -24.82
N LEU A 298 -15.24 10.15 -24.47
CA LEU A 298 -14.60 11.00 -25.49
C LEU A 298 -13.30 10.37 -26.03
N GLN A 299 -12.57 9.71 -25.14
CA GLN A 299 -11.33 9.05 -25.54
C GLN A 299 -11.60 7.94 -26.56
N GLU A 300 -12.66 7.18 -26.30
CA GLU A 300 -13.09 6.16 -27.26
C GLU A 300 -13.50 6.76 -28.58
N GLN A 301 -14.20 7.89 -28.56
CA GLN A 301 -14.48 8.60 -29.81
C GLN A 301 -13.20 8.90 -30.57
N ALA A 302 -12.23 9.48 -29.88
CA ALA A 302 -10.99 9.88 -30.55
C ALA A 302 -10.28 8.65 -31.12
N HIS A 303 -10.24 7.61 -30.29
CA HIS A 303 -9.57 6.37 -30.67
C HIS A 303 -10.16 5.80 -31.96
N CYS A 304 -11.50 5.74 -32.02
CA CYS A 304 -12.17 5.24 -33.23
C CYS A 304 -11.84 6.10 -34.44
N PHE A 305 -11.88 7.42 -34.27
CA PHE A 305 -11.53 8.31 -35.37
C PHE A 305 -10.10 8.07 -35.84
N ILE A 306 -9.15 7.98 -34.92
CA ILE A 306 -7.76 7.74 -35.33
C ILE A 306 -7.63 6.41 -36.02
N ASN A 307 -8.31 5.36 -35.50
CA ASN A 307 -8.30 4.07 -36.14
C ASN A 307 -8.72 4.16 -37.60
N PHE A 308 -9.59 5.10 -37.95
CA PHE A 308 -10.06 5.22 -39.36
C PHE A 308 -9.51 6.42 -40.15
N ASN A 309 -8.42 7.01 -39.66
CA ASN A 309 -7.72 8.12 -40.35
C ASN A 309 -8.57 9.37 -40.46
N GLU A 310 -9.51 9.54 -39.53
CA GLU A 310 -10.37 10.74 -39.46
C GLU A 310 -9.70 11.74 -38.54
N ASN A 311 -8.63 12.35 -39.01
CA ASN A 311 -7.74 13.09 -38.11
C ASN A 311 -8.27 14.45 -37.63
N SER A 312 -9.05 15.17 -38.44
CA SER A 312 -9.61 16.45 -37.97
C SER A 312 -10.66 16.22 -36.89
N LYS A 313 -11.49 15.19 -37.09
CA LYS A 313 -12.49 14.82 -36.08
C LYS A 313 -11.84 14.35 -34.79
N ALA A 314 -10.72 13.64 -34.93
CA ALA A 314 -9.92 13.21 -33.80
C ALA A 314 -9.32 14.40 -33.07
N LYS A 315 -8.72 15.32 -33.82
CA LYS A 315 -8.14 16.54 -33.23
C LYS A 315 -9.22 17.38 -32.52
N GLU A 316 -10.38 17.57 -33.15
CA GLU A 316 -11.53 18.24 -32.49
C GLU A 316 -11.80 17.64 -31.11
N VAL A 317 -11.85 16.31 -31.06
CA VAL A 317 -12.19 15.60 -29.82
C VAL A 317 -11.08 15.73 -28.77
N LEU A 318 -9.82 15.67 -29.19
CA LEU A 318 -8.69 15.92 -28.28
C LEU A 318 -8.60 17.40 -27.76
N ASP A 319 -8.92 18.39 -28.63
CA ASP A 319 -9.07 19.81 -28.19
C ASP A 319 -10.11 19.97 -27.07
N LYS A 320 -11.26 19.30 -27.21
CA LYS A 320 -12.27 19.22 -26.12
C LYS A 320 -11.69 18.58 -24.85
N LEU A 321 -10.86 17.56 -25.04
CA LEU A 321 -10.24 16.81 -23.92
C LEU A 321 -9.11 17.57 -23.21
N ASP A 322 -8.31 18.30 -23.98
CA ASP A 322 -7.27 19.21 -23.43
C ASP A 322 -7.84 20.12 -22.31
N LEU A 323 -9.08 20.57 -22.47
CA LEU A 323 -9.74 21.47 -21.52
C LEU A 323 -10.24 20.81 -20.20
N LEU A 324 -9.95 19.52 -19.97
CA LEU A 324 -10.49 18.80 -18.81
C LEU A 324 -9.43 18.31 -17.83
N VAL A 325 -9.83 18.22 -16.57
CA VAL A 325 -8.95 17.77 -15.49
C VAL A 325 -8.83 16.24 -15.51
N HIS A 326 -7.69 15.74 -16.00
CA HIS A 326 -7.39 14.31 -15.99
C HIS A 326 -6.70 13.85 -14.72
N ASN A 327 -7.08 12.71 -14.17
CA ASN A 327 -6.17 11.94 -13.28
C ASN A 327 -5.02 11.25 -14.07
N ASP A 328 -4.12 10.58 -13.36
CA ASP A 328 -2.90 10.02 -14.00
C ASP A 328 -3.30 8.93 -15.07
N ASN A 329 -4.20 8.03 -14.68
CA ASN A 329 -4.68 6.95 -15.56
C ASN A 329 -5.31 7.53 -16.85
N GLU A 330 -6.10 8.58 -16.68
CA GLU A 330 -6.71 9.31 -17.80
C GLU A 330 -5.68 9.96 -18.69
N LEU A 331 -4.65 10.54 -18.08
CA LEU A 331 -3.55 11.20 -18.81
C LEU A 331 -2.78 10.21 -19.69
N ALA A 332 -2.51 9.03 -19.13
CA ALA A 332 -1.83 7.94 -19.84
C ALA A 332 -2.53 7.62 -21.16
N MET A 333 -3.85 7.47 -21.12
CA MET A 333 -4.63 7.25 -22.36
C MET A 333 -4.56 8.45 -23.25
N HIS A 334 -4.60 9.64 -22.63
CA HIS A 334 -4.53 10.87 -23.41
C HIS A 334 -3.26 10.90 -24.24
N TYR A 335 -2.13 10.55 -23.60
CA TYR A 335 -0.82 10.52 -24.30
C TYR A 335 -0.75 9.39 -25.33
N TYR A 336 -1.32 8.22 -25.01
CA TYR A 336 -1.43 7.16 -26.06
C TYR A 336 -2.14 7.66 -27.34
N LEU A 337 -3.28 8.34 -27.16
CA LEU A 337 -4.07 8.85 -28.29
C LEU A 337 -3.32 9.93 -29.04
N LYS A 338 -2.72 10.86 -28.30
CA LYS A 338 -1.88 11.89 -28.95
C LYS A 338 -0.74 11.25 -29.74
N GLY A 339 -0.13 10.23 -29.16
CA GLY A 339 0.90 9.46 -29.86
C GLY A 339 0.46 8.82 -31.16
N ARG A 340 -0.73 8.20 -31.17
CA ARG A 340 -1.27 7.56 -32.38
C ARG A 340 -1.55 8.61 -33.45
N LEU A 341 -2.17 9.72 -33.01
CA LEU A 341 -2.56 10.79 -33.92
C LEU A 341 -1.36 11.49 -34.53
N GLU A 342 -0.46 12.00 -33.69
CA GLU A 342 0.76 12.70 -34.17
C GLU A 342 1.89 11.74 -34.68
N GLN A 343 1.72 10.41 -34.53
CA GLN A 343 2.78 9.39 -34.81
C GLN A 343 4.16 9.71 -34.21
N ASN A 344 4.16 9.84 -32.89
CA ASN A 344 5.21 10.46 -32.12
C ASN A 344 5.50 9.55 -30.93
N LYS A 345 6.57 8.77 -31.04
CA LYS A 345 7.07 7.93 -29.95
C LYS A 345 7.17 8.57 -28.58
N ALA A 346 7.53 9.83 -28.51
CA ALA A 346 7.72 10.45 -27.19
C ALA A 346 6.47 10.33 -26.37
N CYS A 347 5.32 10.51 -27.02
CA CYS A 347 4.01 10.35 -26.35
C CYS A 347 3.78 8.96 -25.77
N PHE A 348 4.25 7.91 -26.46
CA PHE A 348 4.12 6.55 -25.93
C PHE A 348 4.94 6.34 -24.66
N TYR A 349 6.13 6.99 -24.58
CA TYR A 349 6.94 6.93 -23.36
C TYR A 349 6.21 7.64 -22.23
N SER A 350 5.60 8.80 -22.48
CA SER A 350 4.80 9.48 -21.44
C SER A 350 3.56 8.65 -21.05
N SER A 351 2.94 8.03 -22.05
CA SER A 351 1.77 7.20 -21.79
C SER A 351 2.18 6.09 -20.83
N ILE A 352 3.27 5.39 -21.15
CA ILE A 352 3.76 4.32 -20.29
C ILE A 352 4.10 4.85 -18.90
N GLU A 353 4.72 6.01 -18.83
CA GLU A 353 5.04 6.63 -17.53
C GLU A 353 3.82 6.78 -16.66
N TYR A 354 2.78 7.38 -17.25
CA TYR A 354 1.55 7.62 -16.48
C TYR A 354 0.79 6.35 -16.14
N PHE A 355 0.88 5.31 -16.97
CA PHE A 355 0.27 4.05 -16.61
C PHE A 355 1.05 3.49 -15.41
N LYS A 356 2.37 3.61 -15.42
CA LYS A 356 3.16 3.13 -14.28
C LYS A 356 2.87 3.92 -12.97
N LYS A 357 2.66 5.23 -13.08
CA LYS A 357 2.22 6.08 -11.95
C LYS A 357 0.86 5.67 -11.39
N SER A 358 -0.08 5.25 -12.25
CA SER A 358 -1.38 4.75 -11.78
C SER A 358 -1.40 3.23 -11.53
N ASN A 359 -0.25 2.61 -11.38
CA ASN A 359 -0.14 1.15 -11.18
C ASN A 359 -1.00 0.28 -12.18
N ASP A 360 -1.19 0.73 -13.42
CA ASP A 360 -1.99 0.03 -14.43
C ASP A 360 -1.08 -0.86 -15.27
N LYS A 361 -1.13 -2.16 -15.00
CA LYS A 361 -0.46 -3.19 -15.78
C LYS A 361 -1.37 -3.82 -16.84
N PHE A 362 -2.44 -3.14 -17.20
CA PHE A 362 -3.44 -3.63 -18.16
C PHE A 362 -3.47 -2.82 -19.48
N LEU A 363 -3.99 -1.59 -19.44
CA LEU A 363 -4.05 -0.71 -20.63
C LEU A 363 -2.66 -0.24 -21.13
N ILE A 364 -1.63 -0.35 -20.30
CA ILE A 364 -0.25 -0.12 -20.72
C ILE A 364 0.05 -0.94 -21.99
N ARG A 365 -0.70 -2.02 -22.22
CA ARG A 365 -0.55 -2.77 -23.47
C ARG A 365 -0.72 -1.94 -24.74
N LEU A 366 -1.54 -0.90 -24.68
CA LEU A 366 -1.75 -0.07 -25.85
C LEU A 366 -0.48 0.59 -26.33
N PRO A 367 0.17 1.41 -25.48
CA PRO A 367 1.43 1.99 -26.01
C PRO A 367 2.51 0.95 -26.26
N LEU A 368 2.57 -0.10 -25.46
CA LEU A 368 3.57 -1.17 -25.71
C LEU A 368 3.38 -1.81 -27.09
N LEU A 369 2.12 -2.01 -27.47
CA LEU A 369 1.79 -2.64 -28.74
C LEU A 369 2.19 -1.75 -29.89
N GLU A 370 1.99 -0.44 -29.74
CA GLU A 370 2.44 0.47 -30.80
C GLU A 370 3.94 0.49 -30.95
N LEU A 371 4.65 0.53 -29.84
CA LEU A 371 6.11 0.51 -29.89
C LEU A 371 6.58 -0.79 -30.49
N GLN A 372 5.94 -1.91 -30.17
CA GLN A 372 6.26 -3.17 -30.84
C GLN A 372 6.12 -3.04 -32.34
N LYS A 373 4.97 -2.51 -32.82
CA LYS A 373 4.84 -2.36 -34.27
C LYS A 373 5.80 -1.32 -34.85
N MET A 374 6.27 -0.38 -34.05
CA MET A 374 7.33 0.57 -34.52
C MET A 374 8.74 -0.08 -34.53
N GLY A 375 8.87 -1.36 -34.17
CA GLY A 375 10.15 -2.08 -34.19
C GLY A 375 11.05 -2.03 -32.93
N GLU A 376 10.53 -1.59 -31.78
CA GLU A 376 11.30 -1.61 -30.53
C GLU A 376 11.52 -3.02 -29.99
N ASN A 377 12.57 -3.15 -29.20
CA ASN A 377 13.03 -4.41 -28.62
C ASN A 377 11.93 -5.06 -27.81
N GLN A 378 11.47 -6.22 -28.30
CA GLN A 378 10.36 -6.94 -27.75
C GLN A 378 10.58 -7.39 -26.30
N LYS A 379 11.78 -7.83 -26.01
CA LYS A 379 12.16 -8.19 -24.65
C LYS A 379 11.98 -7.03 -23.64
N LEU A 380 12.34 -5.83 -24.06
CA LEU A 380 12.21 -4.63 -23.22
C LEU A 380 10.78 -4.30 -23.00
N LEU A 381 10.00 -4.39 -24.05
CA LEU A 381 8.57 -4.20 -23.93
C LEU A 381 7.93 -5.25 -23.05
N GLU A 382 8.33 -6.50 -23.16
CA GLU A 382 7.77 -7.53 -22.26
C GLU A 382 8.14 -7.17 -20.81
N LEU A 383 9.41 -6.78 -20.60
CA LEU A 383 9.87 -6.45 -19.24
C LEU A 383 9.10 -5.26 -18.64
N LEU A 384 8.64 -4.35 -19.48
CA LEU A 384 7.82 -3.23 -19.01
C LEU A 384 6.44 -3.62 -18.50
N LEU A 385 5.99 -4.82 -18.80
CA LEU A 385 4.68 -5.29 -18.31
C LEU A 385 4.75 -5.71 -16.87
N LEU A 386 5.88 -6.27 -16.46
CA LEU A 386 6.11 -6.72 -15.08
C LEU A 386 5.80 -5.65 -13.99
N MET B 1 22.65 9.55 42.35
CA MET B 1 23.24 10.46 41.32
C MET B 1 23.58 9.77 39.97
N GLU B 2 23.00 10.30 38.91
CA GLU B 2 23.25 9.82 37.54
C GLU B 2 24.71 10.05 37.13
N LEU B 3 25.27 9.16 36.31
CA LEU B 3 26.65 9.30 35.78
C LEU B 3 26.91 10.67 35.16
N ILE B 4 25.97 11.20 34.39
CA ILE B 4 26.14 12.54 33.77
C ILE B 4 26.32 13.64 34.80
N ARG B 5 25.61 13.54 35.92
CA ARG B 5 25.73 14.56 36.94
C ARG B 5 27.10 14.48 37.62
N ILE B 6 27.56 13.25 37.88
CA ILE B 6 28.87 13.06 38.49
C ILE B 6 29.94 13.60 37.56
N ALA B 7 29.83 13.29 36.27
CA ALA B 7 30.85 13.72 35.33
C ALA B 7 30.91 15.24 35.21
N MET B 8 29.74 15.89 35.12
CA MET B 8 29.68 17.33 35.06
C MET B 8 30.28 17.99 36.35
N LYS B 9 30.03 17.39 37.52
CA LYS B 9 30.61 17.89 38.78
C LYS B 9 32.14 17.80 38.80
N LYS B 10 32.67 16.67 38.31
CA LYS B 10 34.11 16.49 38.18
C LYS B 10 34.73 17.54 37.25
N ASP B 11 34.19 17.70 36.04
CA ASP B 11 34.76 18.69 35.10
C ASP B 11 34.68 20.14 35.65
N LEU B 12 33.65 20.43 36.45
CA LEU B 12 33.55 21.73 37.15
C LEU B 12 34.69 21.97 38.14
N GLU B 13 35.02 20.96 38.98
CA GLU B 13 36.21 20.97 39.85
C GLU B 13 37.48 21.42 39.12
N ASN B 14 37.77 20.81 37.98
CA ASN B 14 38.95 21.15 37.18
C ASN B 14 38.89 22.47 36.42
N ASP B 15 37.69 23.01 36.21
CA ASP B 15 37.53 24.19 35.35
C ASP B 15 36.19 24.89 35.63
N ASN B 16 36.26 25.98 36.40
CA ASN B 16 35.06 26.71 36.84
C ASN B 16 34.43 27.72 35.86
N SER B 17 34.86 27.71 34.59
CA SER B 17 34.18 28.50 33.54
C SER B 17 33.01 27.74 32.85
N LEU B 18 32.86 26.44 33.11
CA LEU B 18 32.00 25.57 32.29
C LEU B 18 30.48 25.84 32.32
N MET B 19 29.95 26.29 33.45
CA MET B 19 28.50 26.42 33.55
C MET B 19 27.91 27.44 32.58
N ASN B 20 28.56 28.58 32.33
CA ASN B 20 28.07 29.50 31.29
C ASN B 20 28.22 28.95 29.86
N LYS B 21 29.26 28.13 29.61
CA LYS B 21 29.42 27.48 28.28
C LYS B 21 28.32 26.46 28.05
N TRP B 22 28.07 25.64 29.06
CA TRP B 22 27.05 24.62 29.02
C TRP B 22 25.64 25.24 28.89
N ALA B 23 25.39 26.35 29.58
CA ALA B 23 24.08 27.02 29.49
C ALA B 23 23.76 27.41 28.05
N THR B 24 24.70 28.02 27.34
CA THR B 24 24.44 28.42 25.96
C THR B 24 24.34 27.19 25.00
N VAL B 25 25.17 26.15 25.20
CA VAL B 25 25.03 24.88 24.48
C VAL B 25 23.62 24.26 24.66
N ALA B 26 23.07 24.42 25.86
CA ALA B 26 21.75 23.92 26.21
C ALA B 26 20.57 24.84 25.86
N GLY B 27 20.81 25.99 25.24
CA GLY B 27 19.74 26.93 24.90
C GLY B 27 19.09 27.63 26.06
N LEU B 28 19.83 27.77 27.15
CA LEU B 28 19.36 28.45 28.37
C LEU B 28 19.99 29.81 28.47
N LYS B 29 19.25 30.75 29.04
CA LYS B 29 19.70 32.14 29.13
C LYS B 29 20.68 32.35 30.27
N ASN B 30 20.46 31.61 31.37
CA ASN B 30 21.44 31.55 32.44
C ASN B 30 21.59 30.12 32.92
N PRO B 31 22.65 29.83 33.68
CA PRO B 31 22.93 28.45 34.08
C PRO B 31 22.25 27.99 35.37
N ASN B 32 21.30 28.76 35.92
CA ASN B 32 20.61 28.37 37.17
C ASN B 32 19.91 27.01 37.12
N PRO B 33 19.27 26.67 35.99
CA PRO B 33 18.74 25.31 35.88
C PRO B 33 19.82 24.21 35.86
N LEU B 34 21.02 24.51 35.34
CA LEU B 34 22.15 23.54 35.44
C LEU B 34 22.59 23.32 36.90
N TYR B 35 22.61 24.38 37.70
CA TYR B 35 22.99 24.23 39.12
C TYR B 35 21.99 23.30 39.79
N ASP B 36 20.70 23.58 39.59
CA ASP B 36 19.63 22.69 40.10
C ASP B 36 19.74 21.25 39.59
N PHE B 37 20.07 21.09 38.32
CA PHE B 37 20.27 19.76 37.75
C PHE B 37 21.36 18.97 38.52
N LEU B 38 22.50 19.61 38.80
CA LEU B 38 23.58 18.93 39.54
C LEU B 38 23.24 18.72 41.03
N ASN B 39 22.52 19.66 41.64
CA ASN B 39 22.32 19.64 43.10
C ASN B 39 21.06 18.92 43.58
N HIS B 40 20.04 18.77 42.73
CA HIS B 40 18.75 18.22 43.19
C HIS B 40 18.28 17.03 42.36
N ASP B 41 18.15 15.85 42.99
CA ASP B 41 17.70 14.64 42.29
C ASP B 41 16.32 14.89 41.64
N GLY B 42 16.15 14.40 40.42
CA GLY B 42 14.82 14.40 39.78
C GLY B 42 14.48 15.72 39.10
N LYS B 43 15.43 16.65 39.09
CA LYS B 43 15.23 17.90 38.37
C LYS B 43 15.50 17.67 36.86
N THR B 44 14.51 17.98 36.02
CA THR B 44 14.64 17.73 34.58
C THR B 44 14.64 19.06 33.85
N PHE B 45 15.07 19.02 32.59
CA PHE B 45 14.97 20.18 31.75
C PHE B 45 13.62 20.19 31.00
N ASN B 46 13.11 21.38 30.74
CA ASN B 46 11.87 21.55 30.04
C ASN B 46 12.00 21.00 28.64
N GLU B 47 13.18 21.16 28.03
CA GLU B 47 13.45 20.55 26.73
C GLU B 47 14.67 19.60 26.79
N PHE B 48 14.47 18.41 26.25
CA PHE B 48 15.41 17.30 26.37
C PHE B 48 16.72 17.62 25.65
N SER B 49 16.67 18.50 24.65
CA SER B 49 17.85 18.93 23.95
C SER B 49 18.87 19.62 24.89
N SER B 50 18.39 20.21 25.98
CA SER B 50 19.30 20.79 26.96
C SER B 50 20.34 19.80 27.42
N ILE B 51 19.90 18.60 27.79
CA ILE B 51 20.86 17.61 28.29
C ILE B 51 21.57 16.90 27.12
N VAL B 52 20.82 16.56 26.07
CA VAL B 52 21.44 15.90 24.91
C VAL B 52 22.60 16.74 24.33
N ASN B 53 22.38 18.04 24.15
CA ASN B 53 23.38 18.88 23.55
C ASN B 53 24.66 19.03 24.41
N ILE B 54 24.50 19.06 25.73
CA ILE B 54 25.64 19.04 26.63
C ILE B 54 26.41 17.72 26.49
N VAL B 55 25.70 16.61 26.49
CA VAL B 55 26.37 15.34 26.37
C VAL B 55 27.16 15.27 25.06
N LYS B 56 26.58 15.74 23.95
CA LYS B 56 27.26 15.67 22.65
C LYS B 56 28.45 16.64 22.58
N SER B 57 28.35 17.80 23.24
CA SER B 57 29.43 18.80 23.27
C SER B 57 30.59 18.39 24.17
N GLN B 58 30.28 17.94 25.39
CA GLN B 58 31.28 17.64 26.41
C GLN B 58 31.72 16.16 26.48
N TYR B 59 30.82 15.22 26.15
CA TYR B 59 31.11 13.79 26.29
C TYR B 59 30.75 12.98 25.06
N PRO B 60 31.15 13.47 23.86
CA PRO B 60 30.65 12.84 22.62
C PRO B 60 30.90 11.34 22.55
N ASP B 61 32.05 10.89 23.06
CA ASP B 61 32.42 9.50 23.00
C ASP B 61 31.78 8.63 24.08
N ARG B 62 31.08 9.25 25.04
CA ARG B 62 30.37 8.53 26.09
C ARG B 62 28.83 8.67 25.99
N GLU B 63 28.31 9.02 24.82
CA GLU B 63 26.88 9.38 24.75
C GLU B 63 26.01 8.22 25.21
N TYR B 64 26.26 7.04 24.66
CA TYR B 64 25.43 5.88 25.00
C TYR B 64 25.45 5.58 26.49
N GLU B 65 26.65 5.42 27.05
CA GLU B 65 26.86 5.05 28.46
C GLU B 65 26.11 6.04 29.37
N LEU B 66 26.32 7.31 29.11
CA LEU B 66 25.72 8.37 29.92
C LEU B 66 24.20 8.52 29.76
N MET B 67 23.72 8.55 28.52
CA MET B 67 22.31 8.75 28.26
C MET B 67 21.51 7.49 28.64
N LYS B 68 22.13 6.31 28.56
CA LYS B 68 21.47 5.11 29.02
C LYS B 68 21.19 5.16 30.52
N ASP B 69 22.25 5.47 31.26
CA ASP B 69 22.09 5.62 32.69
C ASP B 69 21.09 6.74 33.02
N TYR B 70 21.15 7.85 32.29
CA TYR B 70 20.26 8.98 32.58
C TYR B 70 18.78 8.60 32.28
N CYS B 71 18.52 8.08 31.08
CA CYS B 71 17.16 7.73 30.65
C CYS B 71 16.49 6.71 31.56
N LEU B 72 17.24 5.69 31.96
CA LEU B 72 16.71 4.59 32.80
C LEU B 72 16.50 4.95 34.26
N ASN B 73 16.92 6.14 34.68
CA ASN B 73 16.61 6.65 36.03
C ASN B 73 15.54 7.68 36.09
N LEU B 74 14.99 7.98 34.94
CA LEU B 74 14.03 9.04 34.85
C LEU B 74 12.69 8.50 35.38
N ASP B 75 11.95 9.41 36.03
CA ASP B 75 10.58 9.18 36.36
C ASP B 75 9.81 9.10 35.01
N VAL B 76 9.16 7.97 34.78
CA VAL B 76 8.55 7.72 33.47
C VAL B 76 7.26 8.51 33.22
N LYS B 77 6.76 9.13 34.28
CA LYS B 77 5.58 9.95 34.20
C LYS B 77 5.81 11.37 33.74
N THR B 78 7.00 11.68 33.23
CA THR B 78 7.37 13.07 32.91
C THR B 78 7.58 13.26 31.41
N LYS B 79 7.50 14.54 31.00
CA LYS B 79 7.85 14.98 29.68
C LYS B 79 9.27 14.51 29.28
N ALA B 80 10.19 14.53 30.24
CA ALA B 80 11.56 14.12 29.99
C ALA B 80 11.65 12.64 29.54
N ALA B 81 10.93 11.75 30.22
CA ALA B 81 10.88 10.32 29.80
C ALA B 81 10.26 10.11 28.43
N ARG B 82 9.24 10.91 28.13
CA ARG B 82 8.61 10.84 26.85
C ARG B 82 9.62 11.24 25.78
N SER B 83 10.40 12.27 26.05
CA SER B 83 11.46 12.67 25.15
C SER B 83 12.51 11.58 25.01
N ALA B 84 12.87 10.96 26.13
CA ALA B 84 13.82 9.86 26.14
C ALA B 84 13.40 8.66 25.29
N LEU B 85 12.11 8.42 25.22
CA LEU B 85 11.59 7.36 24.44
C LEU B 85 11.89 7.59 22.95
N GLU B 86 11.61 8.80 22.46
CA GLU B 86 11.92 9.17 21.07
C GLU B 86 13.42 9.18 20.84
N TYR B 87 14.20 9.67 21.81
CA TYR B 87 15.66 9.63 21.75
C TYR B 87 16.10 8.19 21.55
N ALA B 88 15.59 7.28 22.37
CA ALA B 88 16.00 5.88 22.27
C ALA B 88 15.65 5.32 20.89
N ASP B 89 14.42 5.55 20.43
CA ASP B 89 14.03 5.05 19.13
C ASP B 89 14.82 5.66 17.96
N ALA B 90 15.05 6.97 17.98
CA ALA B 90 15.75 7.59 16.90
C ALA B 90 17.19 7.08 16.77
N ASN B 91 17.83 6.85 17.92
CA ASN B 91 19.20 6.34 17.99
C ASN B 91 19.27 4.83 17.87
N MET B 92 18.12 4.17 17.77
CA MET B 92 18.05 2.72 17.67
C MET B 92 18.63 2.06 18.92
N PHE B 93 18.44 2.69 20.08
CA PHE B 93 18.84 2.12 21.37
C PHE B 93 17.68 1.32 21.92
N PHE B 94 17.53 0.10 21.40
CA PHE B 94 16.31 -0.65 21.62
C PHE B 94 16.19 -1.26 23.01
N GLU B 95 17.31 -1.56 23.64
CA GLU B 95 17.25 -2.07 25.01
C GLU B 95 16.73 -0.97 25.91
N ILE B 96 17.16 0.26 25.68
CA ILE B 96 16.62 1.41 26.42
C ILE B 96 15.14 1.62 26.09
N GLU B 97 14.80 1.61 24.81
CA GLU B 97 13.43 1.88 24.40
C GLU B 97 12.44 0.89 25.00
N ASP B 98 12.75 -0.40 24.98
CA ASP B 98 11.79 -1.41 25.42
C ASP B 98 11.57 -1.38 26.94
N VAL B 99 12.59 -0.99 27.71
CA VAL B 99 12.41 -0.82 29.14
C VAL B 99 11.52 0.40 29.44
N LEU B 100 11.74 1.50 28.74
CA LEU B 100 10.88 2.69 28.88
C LEU B 100 9.44 2.38 28.54
N ILE B 101 9.24 1.66 27.43
CA ILE B 101 7.91 1.30 26.98
C ILE B 101 7.20 0.45 28.05
N ASP B 102 7.89 -0.56 28.54
CA ASP B 102 7.29 -1.48 29.49
C ASP B 102 6.87 -0.78 30.80
N SER B 103 7.66 0.16 31.31
CA SER B 103 7.19 0.88 32.50
C SER B 103 6.19 2.01 32.19
N MET B 104 6.17 2.52 30.95
CA MET B 104 5.23 3.60 30.61
C MET B 104 3.81 3.05 30.38
N ILE B 105 3.70 1.88 29.79
CA ILE B 105 2.37 1.29 29.53
C ILE B 105 1.60 0.95 30.81
N SER B 106 2.32 0.72 31.91
CA SER B 106 1.74 0.45 33.22
C SER B 106 1.63 1.66 34.15
N CYS B 107 2.20 2.81 33.79
CA CYS B 107 2.23 3.95 34.71
C CYS B 107 0.89 4.66 34.66
N SER B 108 0.68 5.54 35.62
CA SER B 108 -0.61 6.21 35.79
C SER B 108 -0.67 7.61 35.21
N ASN B 109 0.40 8.07 34.54
CA ASN B 109 0.31 9.33 33.76
C ASN B 109 -0.21 8.97 32.38
N MET B 110 -1.29 9.62 31.99
CA MET B 110 -2.06 9.25 30.82
C MET B 110 -1.28 9.57 29.55
N LYS B 111 -0.52 10.65 29.54
CA LYS B 111 0.28 10.96 28.35
C LYS B 111 1.43 9.96 28.15
N SER B 112 2.16 9.67 29.21
CA SER B 112 3.22 8.69 29.11
C SER B 112 2.73 7.33 28.70
N LYS B 113 1.58 6.96 29.21
CA LYS B 113 0.94 5.68 28.83
C LYS B 113 0.63 5.62 27.34
N GLU B 114 0.04 6.69 26.82
CA GLU B 114 -0.24 6.81 25.40
C GLU B 114 1.05 6.71 24.55
N TYR B 115 2.08 7.48 24.90
CA TYR B 115 3.33 7.43 24.14
C TYR B 115 3.86 6.01 24.21
N GLY B 116 3.87 5.43 25.39
CA GLY B 116 4.37 4.07 25.54
C GLY B 116 3.65 3.03 24.70
N LYS B 117 2.33 3.14 24.65
CA LYS B 117 1.54 2.21 23.86
C LYS B 117 1.72 2.39 22.34
N VAL B 118 1.82 3.64 21.91
CA VAL B 118 2.06 3.92 20.51
C VAL B 118 3.44 3.40 20.06
N TYR B 119 4.49 3.67 20.84
CA TYR B 119 5.82 3.17 20.52
C TYR B 119 5.88 1.62 20.56
N LYS B 120 5.08 0.99 21.43
CA LYS B 120 5.02 -0.47 21.48
C LYS B 120 4.44 -1.06 20.18
N ILE B 121 3.43 -0.38 19.65
CA ILE B 121 2.89 -0.79 18.37
C ILE B 121 3.97 -0.65 17.29
N HIS B 122 4.70 0.44 17.30
CA HIS B 122 5.80 0.63 16.36
C HIS B 122 6.86 -0.48 16.44
N ARG B 123 7.26 -0.82 17.66
CA ARG B 123 8.24 -1.87 17.87
C ARG B 123 7.70 -3.21 17.40
N GLU B 124 6.46 -3.50 17.74
CA GLU B 124 5.83 -4.74 17.27
C GLU B 124 5.68 -4.83 15.74
N LEU B 125 5.25 -3.73 15.13
CA LEU B 125 5.13 -3.67 13.69
C LEU B 125 6.47 -3.81 12.97
N SER B 126 7.47 -3.03 13.35
CA SER B 126 8.79 -3.10 12.73
C SER B 126 9.48 -4.48 12.96
N ASN B 127 9.08 -5.26 13.97
CA ASN B 127 9.61 -6.60 14.17
C ASN B 127 8.68 -7.72 13.62
N SER B 128 7.70 -7.37 12.79
CA SER B 128 6.74 -8.32 12.22
C SER B 128 6.02 -9.21 13.23
N VAL B 129 5.83 -8.74 14.48
CA VAL B 129 5.03 -9.46 15.49
C VAL B 129 3.53 -9.27 15.19
N ILE B 130 3.14 -8.16 14.58
CA ILE B 130 1.76 -7.92 14.16
C ILE B 130 1.74 -7.41 12.72
N THR B 131 0.56 -7.51 12.11
CA THR B 131 0.33 -6.97 10.79
C THR B 131 0.00 -5.50 10.85
N GLU B 132 0.11 -4.87 9.71
CA GLU B 132 -0.23 -3.46 9.55
C GLU B 132 -1.67 -3.19 9.96
N PHE B 133 -2.57 -4.08 9.55
CA PHE B 133 -3.97 -3.97 9.88
C PHE B 133 -4.15 -3.96 11.41
N GLU B 134 -3.50 -4.91 12.09
CA GLU B 134 -3.66 -5.03 13.55
C GLU B 134 -3.07 -3.78 14.22
N ALA B 135 -1.96 -3.28 13.67
CA ALA B 135 -1.33 -2.09 14.22
C ALA B 135 -2.23 -0.89 14.16
N VAL B 136 -2.84 -0.66 13.01
CA VAL B 136 -3.64 0.55 12.96
C VAL B 136 -4.97 0.41 13.68
N LYS B 137 -5.55 -0.80 13.74
CA LYS B 137 -6.71 -1.00 14.60
C LYS B 137 -6.35 -0.70 16.07
N ARG B 138 -5.16 -1.11 16.50
CA ARG B 138 -4.74 -0.80 17.88
C ARG B 138 -4.60 0.73 18.11
N LEU B 139 -4.02 1.40 17.12
CA LEU B 139 -3.91 2.86 17.17
C LEU B 139 -5.29 3.55 17.33
N GLY B 140 -6.30 3.07 16.61
CA GLY B 140 -7.64 3.65 16.70
C GLY B 140 -8.34 3.42 18.07
N LYS B 141 -8.07 2.22 18.60
CA LYS B 141 -8.56 1.79 19.90
C LYS B 141 -7.88 2.59 21.05
N LEU B 142 -6.66 3.11 20.85
CA LEU B 142 -6.01 3.97 21.86
C LEU B 142 -6.69 5.30 22.12
N ASN B 143 -7.44 5.84 21.15
CA ASN B 143 -8.08 7.12 21.35
C ASN B 143 -7.04 8.23 21.57
N ILE B 144 -6.13 8.35 20.63
CA ILE B 144 -4.98 9.24 20.74
C ILE B 144 -5.39 10.71 20.97
N LYS B 145 -4.83 11.33 22.01
CA LYS B 145 -5.05 12.75 22.37
C LYS B 145 -3.95 13.72 21.98
N THR B 146 -2.69 13.30 21.99
CA THR B 146 -1.60 14.26 21.86
C THR B 146 -1.25 14.48 20.40
N PRO B 147 -0.95 15.73 20.01
CA PRO B 147 -0.48 15.98 18.64
C PRO B 147 0.77 15.16 18.28
N GLU B 148 1.64 14.93 19.27
CA GLU B 148 2.85 14.15 19.09
C GLU B 148 2.54 12.73 18.62
N MET B 149 1.66 12.03 19.32
CA MET B 149 1.34 10.67 18.94
C MET B 149 0.44 10.62 17.71
N ASN B 150 -0.35 11.66 17.46
CA ASN B 150 -1.07 11.78 16.17
C ASN B 150 -0.08 11.75 15.00
N SER B 151 1.01 12.50 15.10
CA SER B 151 2.05 12.51 14.05
C SER B 151 2.81 11.18 13.98
N PHE B 152 3.17 10.62 15.13
CA PHE B 152 3.94 9.37 15.12
C PHE B 152 3.14 8.15 14.68
N SER B 153 1.83 8.16 14.90
CA SER B 153 1.01 7.09 14.45
C SER B 153 1.11 6.96 12.92
N ARG B 154 1.24 8.11 12.22
CA ARG B 154 1.52 8.11 10.79
C ARG B 154 2.97 7.73 10.45
N LEU B 155 3.93 8.29 11.16
CA LEU B 155 5.34 7.95 10.90
C LEU B 155 5.63 6.45 11.03
N LEU B 156 5.13 5.80 12.08
CA LEU B 156 5.43 4.38 12.25
C LEU B 156 4.89 3.49 11.11
N LEU B 157 3.76 3.91 10.54
CA LEU B 157 3.19 3.29 9.37
C LEU B 157 4.07 3.50 8.13
N LEU B 158 4.50 4.73 7.94
CA LEU B 158 5.41 5.07 6.84
C LEU B 158 6.67 4.18 6.92
N TYR B 159 7.23 3.96 8.11
CA TYR B 159 8.37 3.04 8.21
C TYR B 159 8.01 1.62 7.77
N HIS B 160 6.81 1.15 8.11
CA HIS B 160 6.43 -0.18 7.69
C HIS B 160 6.31 -0.28 6.16
N TYR B 161 5.69 0.72 5.55
CA TYR B 161 5.56 0.76 4.10
C TYR B 161 6.91 0.72 3.39
N LEU B 162 7.86 1.47 3.94
CA LEU B 162 9.19 1.56 3.43
C LEU B 162 9.91 0.23 3.57
N SER B 163 9.84 -0.40 4.74
CA SER B 163 10.54 -1.68 4.93
C SER B 163 9.98 -2.81 4.08
N THR B 164 8.72 -2.72 3.63
CA THR B 164 8.10 -3.76 2.81
C THR B 164 7.98 -3.41 1.33
N GLY B 165 8.65 -2.33 0.89
CA GLY B 165 8.58 -1.84 -0.49
C GLY B 165 7.22 -1.39 -1.00
N ASN B 166 6.27 -1.11 -0.11
CA ASN B 166 4.91 -0.71 -0.51
C ASN B 166 4.83 0.83 -0.59
N PHE B 167 5.41 1.40 -1.65
CA PHE B 167 5.56 2.86 -1.77
C PHE B 167 4.31 3.65 -2.12
N SER B 168 3.29 3.04 -2.73
CA SER B 168 2.19 3.85 -3.29
C SER B 168 1.33 4.60 -2.26
N PRO B 169 1.05 4.00 -1.08
CA PRO B 169 0.36 4.83 -0.09
C PRO B 169 1.23 5.87 0.64
N MET B 170 2.58 5.81 0.49
CA MET B 170 3.47 6.72 1.25
C MET B 170 3.21 8.23 1.03
N ALA B 171 3.05 8.65 -0.22
CA ALA B 171 2.99 10.12 -0.52
C ALA B 171 1.74 10.77 0.09
N GLN B 172 0.62 10.06 -0.05
CA GLN B 172 -0.64 10.50 0.50
C GLN B 172 -0.60 10.58 2.07
N LEU B 173 -0.05 9.53 2.70
CA LEU B 173 0.01 9.47 4.16
C LEU B 173 0.93 10.55 4.77
N ILE B 174 2.11 10.75 4.16
CA ILE B 174 3.11 11.67 4.68
C ILE B 174 2.61 13.13 4.63
N LYS B 175 1.82 13.43 3.60
CA LYS B 175 1.14 14.72 3.49
C LYS B 175 0.17 15.03 4.61
N GLN B 176 -0.46 14.02 5.21
CA GLN B 176 -1.39 14.23 6.34
C GLN B 176 -0.64 14.68 7.62
N ILE B 177 0.66 14.44 7.71
CA ILE B 177 1.41 14.73 8.94
C ILE B 177 1.48 16.24 9.13
N ASP B 178 1.09 16.72 10.32
CA ASP B 178 1.15 18.16 10.59
C ASP B 178 1.90 18.47 11.87
N LEU B 179 3.20 18.68 11.72
CA LEU B 179 4.12 18.98 12.82
C LEU B 179 3.88 20.31 13.47
N SER B 180 3.30 21.25 12.75
CA SER B 180 3.00 22.56 13.31
C SER B 180 1.98 22.47 14.46
N GLU B 181 1.23 21.37 14.57
CA GLU B 181 0.25 21.19 15.64
C GLU B 181 0.87 20.81 16.98
N ILE B 182 2.14 20.38 16.95
CA ILE B 182 2.86 20.06 18.16
C ILE B 182 3.27 21.34 18.90
N SER B 183 2.81 21.51 20.13
CA SER B 183 3.22 22.68 20.94
C SER B 183 3.95 22.32 22.24
N GLU B 184 3.84 21.09 22.74
CA GLU B 184 4.45 20.71 24.00
C GLU B 184 5.93 20.34 23.86
N ASN B 185 6.25 19.35 23.03
CA ASN B 185 7.58 18.75 23.03
C ASN B 185 8.39 19.13 21.78
N MET B 186 9.23 20.16 21.90
CA MET B 186 10.05 20.63 20.80
C MET B 186 11.18 19.60 20.47
N TYR B 187 11.72 18.89 21.44
CA TYR B 187 12.69 17.85 21.07
C TYR B 187 12.04 16.86 20.09
N ILE B 188 10.84 16.38 20.43
CA ILE B 188 10.12 15.42 19.59
C ILE B 188 9.73 16.09 18.26
N ARG B 189 9.25 17.31 18.34
CA ARG B 189 8.86 17.99 17.13
C ARG B 189 10.01 18.06 16.15
N ASN B 190 11.21 18.39 16.64
CA ASN B 190 12.40 18.58 15.77
C ASN B 190 12.95 17.24 15.29
N THR B 191 12.98 16.25 16.13
CA THR B 191 13.40 14.93 15.65
C THR B 191 12.37 14.40 14.61
N TYR B 192 11.09 14.66 14.80
CA TYR B 192 10.10 14.17 13.82
C TYR B 192 10.27 14.89 12.49
N GLN B 193 10.63 16.16 12.53
CA GLN B 193 10.93 16.90 11.30
C GLN B 193 12.09 16.23 10.54
N THR B 194 13.12 15.80 11.28
CA THR B 194 14.22 15.09 10.68
C THR B 194 13.69 13.81 10.02
N ARG B 195 12.86 13.06 10.75
CA ARG B 195 12.32 11.84 10.21
C ARG B 195 11.53 12.07 8.93
N VAL B 196 10.75 13.15 8.90
CA VAL B 196 9.97 13.46 7.69
C VAL B 196 10.91 13.73 6.50
N HIS B 197 11.98 14.49 6.74
CA HIS B 197 12.93 14.78 5.69
C HIS B 197 13.52 13.48 5.14
N VAL B 198 13.93 12.56 6.00
CA VAL B 198 14.52 11.34 5.48
C VAL B 198 13.53 10.42 4.77
N LEU B 199 12.30 10.33 5.27
CA LEU B 199 11.26 9.62 4.55
C LEU B 199 10.98 10.26 3.20
N MET B 200 10.91 11.60 3.14
CA MET B 200 10.70 12.28 1.84
C MET B 200 11.85 11.91 0.89
N SER B 201 13.06 11.89 1.43
CA SER B 201 14.20 11.55 0.60
C SER B 201 14.03 10.15 0.00
N ASN B 202 13.56 9.17 0.78
CA ASN B 202 13.42 7.81 0.27
C ASN B 202 12.28 7.66 -0.73
N ILE B 203 11.22 8.42 -0.53
CA ILE B 203 10.13 8.43 -1.48
C ILE B 203 10.65 8.93 -2.82
N LYS B 204 11.42 10.03 -2.80
CA LYS B 204 11.91 10.58 -4.04
C LYS B 204 12.87 9.62 -4.74
N LEU B 205 13.74 8.97 -3.98
CA LEU B 205 14.63 7.97 -4.56
C LEU B 205 13.84 6.88 -5.28
N ASN B 206 12.78 6.41 -4.66
CA ASN B 206 11.94 5.40 -5.29
C ASN B 206 11.22 5.86 -6.57
N GLU B 207 10.79 7.10 -6.61
CA GLU B 207 10.21 7.68 -7.83
C GLU B 207 11.25 8.01 -8.93
N ASN B 208 12.54 7.75 -8.66
CA ASN B 208 13.64 8.14 -9.54
C ASN B 208 13.72 9.67 -9.77
N SER B 209 13.31 10.44 -8.77
CA SER B 209 13.53 11.89 -8.74
C SER B 209 14.75 12.16 -7.87
N LEU B 210 15.92 11.98 -8.47
CA LEU B 210 17.18 11.89 -7.74
C LEU B 210 17.68 13.21 -7.16
N GLU B 211 17.40 14.32 -7.82
CA GLU B 211 17.84 15.62 -7.32
C GLU B 211 17.02 16.00 -6.10
N GLU B 212 15.72 15.71 -6.17
CA GLU B 212 14.83 15.99 -5.05
C GLU B 212 15.22 15.12 -3.84
N CYS B 213 15.56 13.86 -4.13
CA CYS B 213 16.06 12.93 -3.12
C CYS B 213 17.23 13.51 -2.33
N ARG B 214 18.20 14.06 -3.05
CA ARG B 214 19.35 14.68 -2.44
C ARG B 214 18.97 15.89 -1.64
N GLU B 215 18.11 16.75 -2.19
CA GLU B 215 17.67 17.95 -1.47
C GLU B 215 17.02 17.59 -0.12
N TYR B 216 16.23 16.52 -0.07
CA TYR B 216 15.61 16.13 1.20
C TYR B 216 16.62 15.57 2.22
N SER B 217 17.55 14.75 1.74
CA SER B 217 18.61 14.24 2.64
C SER B 217 19.50 15.36 3.15
N LYS B 218 19.77 16.35 2.32
CA LYS B 218 20.55 17.51 2.78
C LYS B 218 19.78 18.30 3.84
N LYS B 219 18.47 18.47 3.66
CA LYS B 219 17.67 19.07 4.74
C LYS B 219 17.74 18.23 6.04
N ALA B 220 17.71 16.90 5.89
CA ALA B 220 17.78 16.02 7.04
C ALA B 220 19.07 16.25 7.78
N LEU B 221 20.18 16.27 7.05
CA LEU B 221 21.50 16.54 7.65
C LEU B 221 21.59 17.83 8.44
N GLU B 222 21.10 18.91 7.85
CA GLU B 222 21.13 20.22 8.52
C GLU B 222 20.21 20.32 9.74
N SER B 223 19.21 19.43 9.83
CA SER B 223 18.22 19.47 10.90
C SER B 223 18.58 18.60 12.12
N THR B 224 19.68 17.85 12.06
CA THR B 224 19.96 16.82 13.07
C THR B 224 21.42 16.80 13.57
N ASN B 225 21.59 16.28 14.78
CA ASN B 225 22.90 15.92 15.34
C ASN B 225 22.90 14.43 15.75
N ILE B 226 21.98 13.65 15.19
CA ILE B 226 21.77 12.27 15.60
C ILE B 226 22.40 11.37 14.55
N LEU B 227 23.28 10.51 15.02
CA LEU B 227 24.13 9.73 14.14
C LEU B 227 23.34 8.85 13.20
N ARG B 228 22.28 8.22 13.68
CA ARG B 228 21.46 7.35 12.86
C ARG B 228 20.97 8.07 11.60
N PHE B 229 20.54 9.31 11.73
CA PHE B 229 19.97 10.02 10.61
C PHE B 229 21.07 10.54 9.68
N GLN B 230 22.20 10.87 10.26
CA GLN B 230 23.34 11.29 9.48
C GLN B 230 23.83 10.14 8.62
N VAL B 231 23.98 8.97 9.22
CA VAL B 231 24.37 7.77 8.52
C VAL B 231 23.47 7.48 7.36
N PHE B 232 22.16 7.39 7.62
CA PHE B 232 21.26 7.00 6.54
C PHE B 232 21.09 8.08 5.48
N SER B 233 21.27 9.35 5.83
CA SER B 233 21.25 10.42 4.85
C SER B 233 22.48 10.35 3.89
N TYR B 234 23.69 10.20 4.42
CA TYR B 234 24.86 10.03 3.56
C TYR B 234 24.75 8.81 2.69
N LEU B 235 24.19 7.72 3.22
CA LEU B 235 24.02 6.51 2.46
C LEU B 235 23.03 6.75 1.31
N THR B 236 21.94 7.44 1.58
CA THR B 236 20.96 7.70 0.56
C THR B 236 21.51 8.67 -0.50
N ILE B 237 22.21 9.71 -0.08
CA ILE B 237 22.75 10.65 -1.03
C ILE B 237 23.72 9.93 -1.92
N GLY B 238 24.64 9.17 -1.33
CA GLY B 238 25.62 8.43 -2.11
C GLY B 238 24.96 7.43 -3.03
N ASN B 239 23.97 6.68 -2.52
CA ASN B 239 23.26 5.73 -3.35
C ASN B 239 22.57 6.40 -4.52
N SER B 240 22.05 7.60 -4.32
CA SER B 240 21.38 8.30 -5.41
C SER B 240 22.35 8.70 -6.54
N LEU B 241 23.67 8.70 -6.23
CA LEU B 241 24.72 9.06 -7.15
C LEU B 241 25.54 7.89 -7.63
N LEU B 242 25.33 6.69 -7.09
CA LEU B 242 26.24 5.58 -7.31
C LEU B 242 26.44 5.23 -8.79
N PHE B 243 25.35 5.28 -9.56
CA PHE B 243 25.33 4.90 -10.95
C PHE B 243 25.63 6.04 -11.90
N SER B 244 25.82 7.25 -11.39
CA SER B 244 25.99 8.36 -12.26
C SER B 244 27.16 9.27 -11.92
N ASN B 245 27.68 9.30 -10.70
CA ASN B 245 28.64 10.32 -10.31
C ASN B 245 29.62 9.80 -9.23
N TYR B 246 30.74 9.27 -9.71
CA TYR B 246 31.66 8.52 -8.86
C TYR B 246 32.14 9.34 -7.71
N GLU B 247 32.64 10.52 -8.05
CA GLU B 247 33.32 11.33 -7.06
C GLU B 247 32.39 11.83 -5.97
N LEU B 248 31.21 12.28 -6.36
CA LEU B 248 30.26 12.74 -5.35
C LEU B 248 29.73 11.58 -4.48
N ALA B 249 29.52 10.41 -5.10
CA ALA B 249 29.04 9.25 -4.34
C ALA B 249 30.12 8.90 -3.30
N GLN B 250 31.37 8.84 -3.77
CA GLN B 250 32.51 8.53 -2.92
C GLN B 250 32.65 9.52 -1.73
N GLU B 251 32.50 10.79 -2.02
CA GLU B 251 32.60 11.79 -1.00
C GLU B 251 31.54 11.59 0.08
N ASN B 252 30.30 11.28 -0.32
CA ASN B 252 29.25 11.03 0.69
C ASN B 252 29.51 9.75 1.48
N PHE B 253 29.94 8.70 0.81
CA PHE B 253 30.22 7.45 1.51
C PHE B 253 31.42 7.58 2.45
N LEU B 254 32.43 8.35 2.07
CA LEU B 254 33.58 8.60 2.97
C LEU B 254 33.20 9.43 4.18
N LYS B 255 32.33 10.40 3.98
CA LYS B 255 31.82 11.12 5.16
C LYS B 255 31.08 10.19 6.10
N GLY B 256 30.24 9.33 5.54
CA GLY B 256 29.50 8.41 6.35
C GLY B 256 30.45 7.46 7.07
N LEU B 257 31.45 6.97 6.33
CA LEU B 257 32.42 6.08 6.92
C LEU B 257 33.20 6.75 8.03
N SER B 258 33.56 8.02 7.83
CA SER B 258 34.27 8.76 8.86
C SER B 258 33.53 8.84 10.20
N ILE B 259 32.22 8.98 10.15
CA ILE B 259 31.45 9.16 11.40
C ILE B 259 31.02 7.85 11.98
N SER B 260 31.25 6.75 11.28
CA SER B 260 30.75 5.52 11.75
C SER B 260 31.77 4.39 11.80
N VAL B 261 33.05 4.65 11.49
CA VAL B 261 34.04 3.56 11.37
C VAL B 261 34.32 2.89 12.74
N GLN B 262 34.34 3.70 13.80
CA GLN B 262 34.39 3.26 15.20
C GLN B 262 33.18 2.46 15.76
N ASN B 263 32.04 2.46 15.08
CA ASN B 263 30.76 1.95 15.61
C ASN B 263 30.38 0.62 14.90
N GLU B 264 30.23 -0.44 15.70
CA GLU B 264 30.01 -1.80 15.19
C GLU B 264 28.76 -1.90 14.31
N ASN B 265 27.65 -1.26 14.72
CA ASN B 265 26.41 -1.24 13.87
C ASN B 265 26.70 -0.76 12.42
N TYR B 266 27.27 0.44 12.32
CA TYR B 266 27.26 1.19 11.07
C TYR B 266 28.51 1.04 10.22
N ASN B 267 29.54 0.46 10.81
CA ASN B 267 30.87 0.42 10.19
C ASN B 267 30.83 -0.26 8.83
N MET B 268 30.20 -1.42 8.78
CA MET B 268 30.16 -2.18 7.56
C MET B 268 29.33 -1.51 6.46
N ILE B 269 28.38 -0.66 6.82
CA ILE B 269 27.47 -0.09 5.83
C ILE B 269 28.21 0.63 4.71
N PHE B 270 29.13 1.48 5.10
CA PHE B 270 29.84 2.28 4.12
C PHE B 270 30.94 1.51 3.47
N GLN B 271 31.50 0.49 4.13
CA GLN B 271 32.46 -0.40 3.44
C GLN B 271 31.80 -1.09 2.29
N GLN B 272 30.55 -1.53 2.51
CA GLN B 272 29.77 -2.21 1.47
C GLN B 272 29.37 -1.25 0.37
N ALA B 273 28.96 -0.04 0.73
CA ALA B 273 28.64 0.97 -0.27
C ALA B 273 29.87 1.34 -1.15
N LEU B 274 31.03 1.55 -0.52
CA LEU B 274 32.25 1.82 -1.29
C LEU B 274 32.66 0.66 -2.20
N CYS B 275 32.49 -0.54 -1.68
CA CYS B 275 32.75 -1.75 -2.48
C CYS B 275 31.86 -1.80 -3.77
N PHE B 276 30.56 -1.61 -3.58
CA PHE B 276 29.61 -1.56 -4.69
C PHE B 276 30.06 -0.46 -5.68
N LEU B 277 30.27 0.73 -5.16
CA LEU B 277 30.70 1.89 -6.00
C LEU B 277 31.91 1.58 -6.87
N ASN B 278 32.94 1.04 -6.28
CA ASN B 278 34.13 0.75 -7.04
C ASN B 278 33.93 -0.38 -8.06
N ASN B 279 33.04 -1.34 -7.76
CA ASN B 279 32.74 -2.38 -8.77
C ASN B 279 31.92 -1.81 -9.94
N VAL B 280 30.95 -0.95 -9.65
CA VAL B 280 30.17 -0.32 -10.69
C VAL B 280 31.05 0.45 -11.65
N TRP B 281 32.01 1.21 -11.12
CA TRP B 281 32.90 2.01 -11.93
C TRP B 281 34.15 1.25 -12.37
N ARG B 282 34.29 -0.03 -12.05
CA ARG B 282 35.38 -0.86 -12.56
C ARG B 282 36.75 -0.34 -12.15
N LYS B 283 36.87 0.04 -10.89
CA LYS B 283 38.10 0.52 -10.34
C LYS B 283 38.70 -0.53 -9.41
N GLU B 284 39.95 -0.37 -9.08
CA GLU B 284 40.58 -1.15 -8.01
C GLU B 284 39.77 -0.95 -6.75
N ASN B 285 39.64 -2.03 -5.97
CA ASN B 285 38.63 -2.09 -4.94
C ASN B 285 39.23 -2.67 -3.65
N LYS B 286 39.56 -1.79 -2.73
CA LYS B 286 40.17 -2.18 -1.45
C LYS B 286 39.10 -2.62 -0.43
N TRP B 287 37.83 -2.51 -0.82
CA TRP B 287 36.72 -2.74 0.10
C TRP B 287 36.10 -4.13 0.03
N ILE B 288 36.65 -4.97 -0.83
CA ILE B 288 36.15 -6.33 -1.00
C ILE B 288 36.46 -7.08 0.27
N ASN B 289 35.43 -7.73 0.80
CA ASN B 289 35.53 -8.53 2.02
C ASN B 289 35.73 -10.01 1.65
N PHE B 290 36.98 -10.40 1.43
CA PHE B 290 37.35 -11.79 1.16
C PHE B 290 37.10 -12.72 2.36
N GLU B 291 36.93 -12.18 3.58
CA GLU B 291 36.66 -13.00 4.78
C GLU B 291 35.18 -13.45 4.92
N SER B 292 34.26 -12.75 4.31
CA SER B 292 32.84 -13.13 4.32
C SER B 292 32.61 -14.28 3.34
N ASP B 293 31.67 -15.13 3.71
CA ASP B 293 31.06 -16.08 2.76
C ASP B 293 29.58 -15.77 2.52
N SER B 294 29.09 -14.59 2.90
CA SER B 294 27.75 -14.17 2.49
C SER B 294 27.69 -14.05 0.96
N ILE B 295 26.48 -14.22 0.41
CA ILE B 295 26.31 -14.23 -1.04
C ILE B 295 26.69 -12.87 -1.67
N MET B 296 26.23 -11.77 -1.05
CA MET B 296 26.50 -10.42 -1.51
C MET B 296 28.03 -10.19 -1.61
N ASP B 297 28.80 -10.56 -0.60
CA ASP B 297 30.25 -10.31 -0.61
C ASP B 297 30.99 -11.19 -1.63
N LEU B 298 30.54 -12.39 -1.84
CA LEU B 298 31.15 -13.25 -2.88
C LEU B 298 30.83 -12.69 -4.30
N GLN B 299 29.64 -12.15 -4.47
CA GLN B 299 29.22 -11.57 -5.74
C GLN B 299 30.09 -10.36 -6.09
N GLU B 300 30.34 -9.52 -5.10
CA GLU B 300 31.32 -8.41 -5.25
C GLU B 300 32.69 -8.90 -5.63
N GLN B 301 33.17 -9.98 -5.01
CA GLN B 301 34.43 -10.56 -5.45
C GLN B 301 34.40 -10.93 -6.92
N ALA B 302 33.34 -11.62 -7.35
CA ALA B 302 33.27 -12.08 -8.74
C ALA B 302 33.23 -10.87 -9.67
N HIS B 303 32.43 -9.89 -9.28
CA HIS B 303 32.26 -8.66 -10.07
C HIS B 303 33.64 -7.98 -10.28
N CYS B 304 34.39 -7.82 -9.19
CA CYS B 304 35.73 -7.19 -9.31
C CYS B 304 36.64 -8.02 -10.23
N PHE B 305 36.62 -9.34 -10.07
CA PHE B 305 37.44 -10.18 -10.95
C PHE B 305 37.05 -10.03 -12.40
N ILE B 306 35.75 -10.08 -12.69
CA ILE B 306 35.36 -9.92 -14.10
C ILE B 306 35.70 -8.54 -14.62
N ASN B 307 35.55 -7.50 -13.80
CA ASN B 307 35.96 -6.17 -14.20
C ASN B 307 37.44 -6.14 -14.64
N PHE B 308 38.28 -7.00 -14.07
CA PHE B 308 39.71 -7.02 -14.45
C PHE B 308 40.15 -8.20 -15.34
N ASN B 309 39.18 -8.90 -15.94
CA ASN B 309 39.43 -10.02 -16.88
C ASN B 309 40.18 -11.17 -16.19
N GLU B 310 39.96 -11.32 -14.87
CA GLU B 310 40.55 -12.40 -14.07
C GLU B 310 39.53 -13.54 -14.06
N ASN B 311 39.46 -14.24 -15.17
CA ASN B 311 38.31 -15.11 -15.41
C ASN B 311 38.33 -16.45 -14.65
N SER B 312 39.50 -17.03 -14.41
CA SER B 312 39.56 -18.27 -13.61
C SER B 312 39.21 -18.00 -12.16
N LYS B 313 39.68 -16.88 -11.62
CA LYS B 313 39.32 -16.47 -10.24
C LYS B 313 37.83 -16.16 -10.13
N ALA B 314 37.29 -15.58 -11.18
CA ALA B 314 35.86 -15.32 -11.27
C ALA B 314 35.06 -16.62 -11.31
N LYS B 315 35.50 -17.54 -12.17
CA LYS B 315 34.83 -18.85 -12.28
C LYS B 315 34.90 -19.63 -10.96
N GLU B 316 36.07 -19.63 -10.31
CA GLU B 316 36.21 -20.23 -8.95
C GLU B 316 35.14 -19.70 -8.01
N VAL B 317 34.96 -18.37 -8.02
CA VAL B 317 34.01 -17.73 -7.10
C VAL B 317 32.57 -18.07 -7.46
N LEU B 318 32.25 -18.13 -8.75
CA LEU B 318 30.91 -18.58 -9.19
C LEU B 318 30.62 -20.08 -8.89
N ASP B 319 31.62 -20.96 -9.04
CA ASP B 319 31.51 -22.39 -8.60
C ASP B 319 31.16 -22.51 -7.12
N LYS B 320 31.81 -21.71 -6.26
CA LYS B 320 31.44 -21.59 -4.82
C LYS B 320 30.00 -21.10 -4.64
N LEU B 321 29.59 -20.17 -5.50
CA LEU B 321 28.24 -19.57 -5.44
C LEU B 321 27.15 -20.49 -5.97
N ASP B 322 27.42 -21.26 -7.02
CA ASP B 322 26.49 -22.28 -7.55
C ASP B 322 25.96 -23.19 -6.42
N LEU B 323 26.83 -23.52 -5.45
CA LEU B 323 26.50 -24.41 -4.35
C LEU B 323 25.66 -23.78 -3.22
N LEU B 324 25.16 -22.55 -3.38
CA LEU B 324 24.43 -21.85 -2.31
C LEU B 324 22.98 -21.52 -2.69
N VAL B 325 22.16 -21.44 -1.65
CA VAL B 325 20.73 -21.16 -1.80
C VAL B 325 20.50 -19.67 -2.02
N HIS B 326 20.21 -19.29 -3.27
CA HIS B 326 19.87 -17.90 -3.61
C HIS B 326 18.39 -17.62 -3.47
N ASN B 327 18.03 -16.47 -2.89
CA ASN B 327 16.72 -15.88 -3.12
C ASN B 327 16.68 -15.19 -4.54
N ASP B 328 15.54 -14.57 -4.86
CA ASP B 328 15.31 -13.97 -6.18
C ASP B 328 16.32 -12.82 -6.43
N ASN B 329 16.48 -11.96 -5.43
CA ASN B 329 17.40 -10.81 -5.48
C ASN B 329 18.83 -11.25 -5.79
N GLU B 330 19.25 -12.32 -5.14
CA GLU B 330 20.55 -12.91 -5.33
C GLU B 330 20.69 -13.53 -6.70
N LEU B 331 19.63 -14.17 -7.19
CA LEU B 331 19.61 -14.71 -8.56
C LEU B 331 19.78 -13.61 -9.67
N ALA B 332 19.12 -12.49 -9.46
CA ALA B 332 19.22 -11.32 -10.34
C ALA B 332 20.66 -10.89 -10.51
N MET B 333 21.41 -10.79 -9.41
CA MET B 333 22.85 -10.44 -9.50
C MET B 333 23.59 -11.58 -10.16
N HIS B 334 23.18 -12.82 -9.86
CA HIS B 334 23.83 -13.97 -10.47
C HIS B 334 23.77 -13.87 -12.01
N TYR B 335 22.59 -13.53 -12.52
CA TYR B 335 22.38 -13.37 -13.96
C TYR B 335 23.11 -12.16 -14.53
N TYR B 336 23.11 -11.05 -13.79
CA TYR B 336 23.98 -9.90 -14.20
C TYR B 336 25.46 -10.31 -14.40
N LEU B 337 26.00 -11.03 -13.41
CA LEU B 337 27.41 -11.47 -13.47
C LEU B 337 27.64 -12.45 -14.59
N LYS B 338 26.74 -13.42 -14.73
CA LYS B 338 26.83 -14.38 -15.86
C LYS B 338 26.79 -13.63 -17.19
N GLY B 339 25.91 -12.64 -17.30
CA GLY B 339 25.86 -11.78 -18.48
C GLY B 339 27.16 -11.07 -18.83
N ARG B 340 27.81 -10.49 -17.81
CA ARG B 340 29.08 -9.77 -18.02
C ARG B 340 30.18 -10.75 -18.44
N LEU B 341 30.23 -11.89 -17.75
CA LEU B 341 31.27 -12.90 -17.96
C LEU B 341 31.12 -13.56 -19.33
N GLU B 342 29.96 -14.13 -19.59
CA GLU B 342 29.72 -14.84 -20.87
C GLU B 342 29.41 -13.85 -22.06
N GLN B 343 29.29 -12.54 -21.79
CA GLN B 343 28.92 -11.52 -22.81
C GLN B 343 27.69 -11.87 -23.65
N ASN B 344 26.57 -12.14 -22.99
CA ASN B 344 25.30 -12.12 -23.72
C ASN B 344 24.20 -11.35 -23.01
N LYS B 345 23.57 -10.51 -23.81
CA LYS B 345 22.35 -9.76 -23.45
C LYS B 345 21.28 -10.58 -22.80
N ALA B 346 21.08 -11.84 -23.20
CA ALA B 346 19.91 -12.58 -22.68
C ALA B 346 19.93 -12.57 -21.17
N CYS B 347 21.12 -12.76 -20.60
CA CYS B 347 21.27 -12.76 -19.14
C CYS B 347 20.88 -11.44 -18.46
N PHE B 348 21.14 -10.32 -19.13
CA PHE B 348 20.68 -9.02 -18.59
C PHE B 348 19.16 -8.92 -18.51
N TYR B 349 18.45 -9.48 -19.50
CA TYR B 349 16.97 -9.54 -19.47
C TYR B 349 16.50 -10.41 -18.28
N SER B 350 17.13 -11.57 -18.07
CA SER B 350 16.76 -12.41 -16.88
C SER B 350 17.11 -11.68 -15.56
N SER B 351 18.26 -10.98 -15.56
CA SER B 351 18.65 -10.24 -14.38
C SER B 351 17.58 -9.22 -14.06
N ILE B 352 17.19 -8.43 -15.05
CA ILE B 352 16.13 -7.45 -14.85
C ILE B 352 14.82 -8.11 -14.37
N GLU B 353 14.48 -9.25 -14.95
CA GLU B 353 13.27 -9.98 -14.54
C GLU B 353 13.30 -10.30 -13.04
N TYR B 354 14.41 -10.89 -12.61
CA TYR B 354 14.56 -11.24 -11.19
C TYR B 354 14.64 -10.05 -10.24
N PHE B 355 15.18 -8.93 -10.71
CA PHE B 355 15.14 -7.73 -9.88
C PHE B 355 13.70 -7.27 -9.74
N LYS B 356 12.94 -7.34 -10.83
CA LYS B 356 11.52 -6.97 -10.74
C LYS B 356 10.70 -7.91 -9.83
N LYS B 357 11.00 -9.20 -9.87
CA LYS B 357 10.41 -10.20 -8.94
C LYS B 357 10.72 -9.89 -7.46
N SER B 358 11.93 -9.41 -7.16
CA SER B 358 12.28 -9.05 -5.77
C SER B 358 12.00 -7.56 -5.47
N ASN B 359 11.17 -6.89 -6.27
CA ASN B 359 10.87 -5.46 -6.11
C ASN B 359 12.12 -4.55 -5.85
N ASP B 360 13.28 -4.88 -6.44
CA ASP B 360 14.52 -4.07 -6.28
C ASP B 360 14.59 -3.06 -7.44
N LYS B 361 14.30 -1.81 -7.13
CA LYS B 361 14.41 -0.70 -8.07
C LYS B 361 15.77 0.04 -7.97
N PHE B 362 16.76 -0.62 -7.32
CA PHE B 362 18.09 -0.01 -7.15
C PHE B 362 19.19 -0.70 -7.95
N LEU B 363 19.58 -1.90 -7.55
CA LEU B 363 20.60 -2.70 -8.28
C LEU B 363 20.20 -3.10 -9.73
N ILE B 364 18.90 -3.06 -10.04
CA ILE B 364 18.44 -3.20 -11.41
C ILE B 364 19.21 -2.28 -12.36
N ARG B 365 19.76 -1.19 -11.82
CA ARG B 365 20.57 -0.29 -12.65
C ARG B 365 21.81 -0.94 -13.23
N LEU B 366 22.35 -1.97 -12.60
CA LEU B 366 23.48 -2.70 -13.17
C LEU B 366 23.17 -3.26 -14.57
N PRO B 367 22.15 -4.16 -14.68
CA PRO B 367 21.89 -4.63 -16.03
C PRO B 367 21.37 -3.54 -16.98
N LEU B 368 20.60 -2.60 -16.46
CA LEU B 368 20.12 -1.50 -17.32
C LEU B 368 21.29 -0.69 -17.90
N LEU B 369 22.32 -0.48 -17.08
CA LEU B 369 23.48 0.31 -17.49
C LEU B 369 24.24 -0.45 -18.54
N GLU B 370 24.38 -1.77 -18.44
CA GLU B 370 25.02 -2.52 -19.53
C GLU B 370 24.28 -2.42 -20.84
N LEU B 371 22.96 -2.58 -20.79
CA LEU B 371 22.15 -2.47 -21.99
C LEU B 371 22.29 -1.04 -22.57
N GLN B 372 22.28 -0.04 -21.72
CA GLN B 372 22.53 1.32 -22.18
C GLN B 372 23.85 1.44 -22.91
N LYS B 373 24.93 0.95 -22.30
CA LYS B 373 26.24 0.96 -22.95
C LYS B 373 26.26 0.12 -24.22
N MET B 374 25.39 -0.89 -24.35
CA MET B 374 25.30 -1.64 -25.63
C MET B 374 24.47 -0.91 -26.69
N GLY B 375 23.97 0.29 -26.39
CA GLY B 375 23.14 1.06 -27.39
C GLY B 375 21.63 0.81 -27.48
N GLU B 376 21.04 0.20 -26.45
CA GLU B 376 19.56 0.00 -26.42
C GLU B 376 18.83 1.32 -26.08
N ASN B 377 17.56 1.37 -26.44
CA ASN B 377 16.67 2.51 -26.26
C ASN B 377 16.64 3.03 -24.85
N GLN B 378 17.16 4.23 -24.69
CA GLN B 378 17.40 4.80 -23.34
C GLN B 378 16.11 5.16 -22.63
N LYS B 379 15.13 5.63 -23.39
CA LYS B 379 13.80 5.88 -22.82
C LYS B 379 13.17 4.61 -22.19
N LEU B 380 13.34 3.48 -22.87
CA LEU B 380 12.78 2.20 -22.39
C LEU B 380 13.47 1.76 -21.16
N LEU B 381 14.78 1.91 -21.17
CA LEU B 381 15.55 1.59 -19.97
C LEU B 381 15.19 2.51 -18.82
N GLU B 382 15.00 3.79 -19.07
CA GLU B 382 14.58 4.71 -17.98
C GLU B 382 13.21 4.24 -17.45
N LEU B 383 12.30 3.93 -18.37
CA LEU B 383 10.94 3.49 -17.96
C LEU B 383 10.95 2.21 -17.14
N LEU B 384 11.96 1.36 -17.33
CA LEU B 384 12.11 0.17 -16.49
C LEU B 384 12.47 0.44 -15.07
N LEU B 385 12.89 1.65 -14.73
CA LEU B 385 13.18 1.98 -13.32
C LEU B 385 11.93 2.20 -12.51
N LEU B 386 10.91 2.75 -13.15
CA LEU B 386 9.62 3.03 -12.49
C LEU B 386 8.95 1.84 -11.80
#